data_3CLO
#
_entry.id   3CLO
#
_cell.length_a   233.650
_cell.length_b   233.650
_cell.length_c   125.273
_cell.angle_alpha   90.000
_cell.angle_beta   90.000
_cell.angle_gamma   120.000
#
_symmetry.space_group_name_H-M   'H 3 2'
#
loop_
_entity.id
_entity.type
_entity.pdbx_description
1 polymer 'Transcriptional regulator'
2 non-polymer 'CHLORIDE ION'
3 non-polymer 'SODIUM ION'
4 non-polymer GLYCEROL
5 water water
#
_entity_poly.entity_id   1
_entity_poly.type   'polypeptide(L)'
_entity_poly.pdbx_seq_one_letter_code
;G(MSE)DVLQKEIDEVYATHPTAHEALDNGIVEQHQQFVRSLTEVNGGCAVISDLSNRKSYVTVHPWANFLGLTPEEAAL
SVIDS(MSE)DEDCIYRRIHPEDLVEKRL(MSE)EYKFFQKTFS(MSE)SPGERLKYRGRCRLR(MSE)(MSE)NEKGVY
QYIDNLVQI(MSE)QNTPAGNVWLIFCLYSLSADQRPEQGIYATITQ(MSE)ERGEVETLSLSEEHRNILSEREKEILRC
IRKGLSSKEIAATLYISVNTVNRHRQNILEKLSVGNSIEACRAAEL(MSE)KLL
;
_entity_poly.pdbx_strand_id   A,B,C
#
# COMPACT_ATOMS: atom_id res chain seq x y z
N GLY A 1 1.26 14.97 -5.61
CA GLY A 1 0.53 14.45 -6.79
C GLY A 1 -0.96 14.69 -6.63
N ASP A 3 -4.86 14.28 -6.35
CA ASP A 3 -5.68 13.27 -5.69
C ASP A 3 -7.02 13.89 -5.28
N VAL A 4 -7.97 13.07 -4.87
CA VAL A 4 -9.23 13.58 -4.35
C VAL A 4 -9.58 12.95 -3.01
N LEU A 5 -10.42 13.65 -2.25
CA LEU A 5 -11.00 13.14 -1.02
C LEU A 5 -10.01 12.85 0.12
N GLN A 6 -8.81 13.42 0.08
CA GLN A 6 -7.83 13.14 1.11
C GLN A 6 -8.23 13.71 2.46
N LYS A 7 -8.78 14.91 2.47
CA LYS A 7 -9.31 15.49 3.69
C LYS A 7 -10.47 14.66 4.24
N GLU A 8 -11.42 14.32 3.38
CA GLU A 8 -12.62 13.57 3.82
C GLU A 8 -12.26 12.21 4.39
N ILE A 9 -11.29 11.53 3.77
CA ILE A 9 -10.89 10.19 4.20
C ILE A 9 -10.17 10.29 5.55
N ASP A 10 -9.26 11.26 5.69
CA ASP A 10 -8.56 11.53 6.97
C ASP A 10 -9.53 11.83 8.10
N GLU A 11 -10.63 12.51 7.79
CA GLU A 11 -11.68 12.76 8.78
C GLU A 11 -12.37 11.48 9.23
N VAL A 12 -12.55 10.53 8.32
CA VAL A 12 -13.13 9.21 8.66
C VAL A 12 -12.17 8.49 9.62
N TYR A 13 -10.89 8.46 9.28
CA TYR A 13 -9.89 7.87 10.13
C TYR A 13 -9.86 8.49 11.54
N ALA A 14 -9.99 9.81 11.58
CA ALA A 14 -9.98 10.57 12.82
C ALA A 14 -11.16 10.22 13.73
N THR A 15 -12.23 9.63 13.19
CA THR A 15 -13.37 9.21 14.01
C THR A 15 -13.04 7.99 14.91
N HIS A 16 -11.90 7.33 14.65
CA HIS A 16 -11.41 6.20 15.45
C HIS A 16 -10.04 6.47 16.08
N PRO A 17 -9.96 7.43 17.01
CA PRO A 17 -8.70 7.70 17.69
C PRO A 17 -8.24 6.51 18.53
N THR A 18 -6.93 6.30 18.57
CA THR A 18 -6.31 5.19 19.29
C THR A 18 -5.09 5.60 20.12
N ALA A 19 -4.89 6.90 20.31
CA ALA A 19 -3.72 7.40 21.05
C ALA A 19 -3.71 6.92 22.51
N HIS A 20 -4.91 6.79 23.06
CA HIS A 20 -5.12 6.32 24.43
C HIS A 20 -4.85 4.82 24.66
N GLU A 21 -4.68 4.06 23.58
CA GLU A 21 -4.44 2.62 23.64
C GLU A 21 -2.96 2.24 23.51
N ALA A 22 -2.55 1.25 24.30
CA ALA A 22 -1.22 0.69 24.23
C ALA A 22 -1.37 -0.61 23.46
N LEU A 23 -0.98 -0.59 22.20
CA LEU A 23 -1.21 -1.70 21.28
C LEU A 23 -0.01 -2.63 21.14
N ASP A 24 -0.29 -3.90 20.92
CA ASP A 24 0.74 -4.93 20.77
C ASP A 24 1.30 -4.89 19.34
N ASN A 25 2.57 -4.52 19.21
CA ASN A 25 3.23 -4.48 17.90
C ASN A 25 3.39 -5.88 17.29
N GLY A 26 3.44 -6.90 18.11
CA GLY A 26 3.52 -8.28 17.62
C GLY A 26 2.40 -8.62 16.66
N ILE A 27 1.23 -8.02 16.89
CA ILE A 27 0.09 -8.22 16.01
C ILE A 27 0.39 -7.67 14.61
N VAL A 28 0.99 -6.49 14.55
CA VAL A 28 1.31 -5.86 13.26
C VAL A 28 2.32 -6.69 12.49
N GLU A 29 3.29 -7.24 13.23
CA GLU A 29 4.38 -8.04 12.69
C GLU A 29 3.89 -9.31 12.01
N GLN A 30 2.92 -9.98 12.62
CA GLN A 30 2.33 -11.18 12.03
C GLN A 30 1.60 -10.85 10.71
N HIS A 31 0.86 -9.74 10.67
CA HIS A 31 0.19 -9.30 9.45
C HIS A 31 1.21 -8.97 8.33
N GLN A 32 2.33 -8.35 8.70
CA GLN A 32 3.39 -8.02 7.74
C GLN A 32 4.00 -9.29 7.13
N GLN A 33 4.27 -10.30 7.94
CA GLN A 33 4.80 -11.57 7.43
C GLN A 33 3.81 -12.23 6.47
N PHE A 34 2.52 -12.18 6.81
CA PHE A 34 1.47 -12.72 5.95
C PHE A 34 1.45 -12.03 4.59
N VAL A 35 1.46 -10.72 4.62
CA VAL A 35 1.35 -9.90 3.42
C VAL A 35 2.56 -10.13 2.47
N ARG A 36 3.72 -10.42 3.05
CA ARG A 36 4.88 -10.77 2.25
C ARG A 36 4.68 -12.12 1.56
N SER A 37 4.17 -13.11 2.31
CA SER A 37 3.91 -14.45 1.78
C SER A 37 2.87 -14.40 0.67
N LEU A 38 1.89 -13.51 0.82
CA LEU A 38 0.85 -13.33 -0.18
C LEU A 38 1.40 -12.76 -1.49
N THR A 39 2.26 -11.75 -1.41
CA THR A 39 2.79 -11.14 -2.62
C THR A 39 3.67 -12.14 -3.39
N GLU A 40 4.23 -13.12 -2.69
CA GLU A 40 5.03 -14.17 -3.30
C GLU A 40 4.18 -15.19 -4.04
N VAL A 41 2.86 -15.09 -3.90
CA VAL A 41 1.93 -15.92 -4.62
C VAL A 41 1.28 -15.12 -5.77
N ASN A 42 0.81 -13.89 -5.50
CA ASN A 42 0.16 -13.06 -6.55
C ASN A 42 1.08 -12.13 -7.38
N GLY A 43 2.38 -12.16 -7.05
CA GLY A 43 3.40 -11.37 -7.76
C GLY A 43 3.13 -9.87 -7.75
N GLY A 44 2.43 -9.41 -6.73
CA GLY A 44 1.92 -8.05 -6.70
C GLY A 44 2.49 -7.17 -5.60
N CYS A 45 1.60 -6.32 -5.06
CA CYS A 45 1.95 -5.31 -4.09
C CYS A 45 0.88 -5.20 -2.99
N ALA A 46 1.34 -5.19 -1.74
CA ALA A 46 0.49 -5.06 -0.54
C ALA A 46 0.89 -3.81 0.26
N VAL A 47 -0.11 -3.05 0.69
CA VAL A 47 0.07 -1.89 1.57
C VAL A 47 -0.78 -2.09 2.84
N ILE A 48 -0.14 -1.97 4.01
CA ILE A 48 -0.85 -2.01 5.30
C ILE A 48 -0.78 -0.60 5.91
N SER A 49 -1.91 0.07 6.00
CA SER A 49 -1.99 1.34 6.69
C SER A 49 -2.30 1.11 8.17
N ASP A 50 -1.42 1.62 9.02
CA ASP A 50 -1.55 1.55 10.45
C ASP A 50 -2.09 2.91 10.94
N LEU A 51 -3.37 2.94 11.30
CA LEU A 51 -4.01 4.17 11.78
C LEU A 51 -3.50 4.61 13.14
N SER A 52 -2.83 3.72 13.89
CA SER A 52 -2.33 4.08 15.23
C SER A 52 -1.12 4.99 15.17
N ASN A 53 -0.22 4.77 14.21
CA ASN A 53 0.96 5.63 14.05
C ASN A 53 1.02 6.37 12.71
N ARG A 54 -0.03 6.26 11.91
CA ARG A 54 -0.08 6.87 10.56
C ARG A 54 1.09 6.50 9.62
N LYS A 55 1.59 5.28 9.76
CA LYS A 55 2.62 4.76 8.86
C LYS A 55 1.98 3.71 7.96
N SER A 56 2.61 3.48 6.82
CA SER A 56 2.19 2.42 5.90
C SER A 56 3.37 1.50 5.67
N TYR A 57 3.10 0.21 5.60
CA TYR A 57 4.12 -0.77 5.34
C TYR A 57 3.84 -1.32 3.93
N VAL A 58 4.72 -1.00 2.99
CA VAL A 58 4.56 -1.35 1.59
C VAL A 58 5.47 -2.51 1.17
N THR A 59 4.89 -3.56 0.58
CA THR A 59 5.66 -4.68 0.03
C THR A 59 5.40 -4.76 -1.47
N VAL A 60 6.47 -4.70 -2.26
CA VAL A 60 6.38 -4.83 -3.72
C VAL A 60 7.20 -6.04 -4.11
N HIS A 61 6.55 -7.02 -4.74
CA HIS A 61 7.24 -8.21 -5.21
C HIS A 61 8.05 -7.90 -6.49
N PRO A 62 9.20 -8.55 -6.70
CA PRO A 62 9.98 -8.36 -7.91
C PRO A 62 9.24 -8.53 -9.25
N TRP A 63 8.19 -9.35 -9.27
CA TRP A 63 7.44 -9.57 -10.51
C TRP A 63 6.37 -8.53 -10.74
N ALA A 64 6.20 -7.58 -9.83
CA ALA A 64 5.14 -6.56 -9.92
C ALA A 64 5.53 -5.42 -10.86
N ASN A 65 5.92 -5.77 -12.09
CA ASN A 65 6.35 -4.81 -13.10
C ASN A 65 5.18 -3.98 -13.64
N PHE A 66 3.97 -4.49 -13.47
CA PHE A 66 2.77 -3.76 -13.84
C PHE A 66 2.62 -2.45 -13.06
N LEU A 67 3.38 -2.28 -11.97
CA LEU A 67 3.32 -1.04 -11.17
C LEU A 67 4.10 0.09 -11.84
N GLY A 68 5.14 -0.24 -12.60
CA GLY A 68 5.95 0.78 -13.27
C GLY A 68 6.87 1.56 -12.35
N LEU A 69 7.14 1.00 -11.16
CA LEU A 69 8.02 1.64 -10.19
C LEU A 69 9.46 1.60 -10.70
N THR A 70 10.28 2.50 -10.18
CA THR A 70 11.72 2.49 -10.43
C THR A 70 12.33 1.66 -9.28
N PRO A 71 13.58 1.16 -9.50
CA PRO A 71 14.30 0.38 -8.47
C PRO A 71 14.23 0.96 -7.03
N GLU A 72 14.51 2.26 -6.88
CA GLU A 72 14.47 2.94 -5.56
C GLU A 72 13.08 2.88 -4.91
N GLU A 73 12.02 3.09 -5.72
CA GLU A 73 10.64 3.16 -5.24
C GLU A 73 10.09 1.80 -4.76
N ALA A 74 10.71 0.71 -5.26
CA ALA A 74 10.33 -0.68 -4.92
C ALA A 74 10.99 -1.09 -3.60
N ALA A 75 12.25 -0.68 -3.45
CA ALA A 75 13.05 -0.85 -2.23
C ALA A 75 12.31 -0.46 -0.93
N LEU A 76 11.40 0.53 -1.03
CA LEU A 76 10.59 1.00 0.13
C LEU A 76 9.86 -0.14 0.84
N SER A 77 9.92 -0.13 2.17
CA SER A 77 9.22 -1.12 3.03
C SER A 77 8.35 -0.46 4.12
N VAL A 78 8.75 0.72 4.61
CA VAL A 78 7.93 1.49 5.57
C VAL A 78 7.79 2.93 5.03
N ILE A 79 6.59 3.25 4.54
CA ILE A 79 6.25 4.61 4.10
C ILE A 79 5.79 5.39 5.34
N ASP A 80 5.97 6.70 5.32
CA ASP A 80 5.65 7.54 6.48
C ASP A 80 4.27 8.22 6.33
N SER A 81 3.38 7.60 5.54
CA SER A 81 2.03 8.11 5.27
C SER A 81 0.99 7.01 5.50
N ASP A 83 -0.73 6.04 3.03
CA ASP A 83 -0.76 5.53 1.67
C ASP A 83 0.56 5.88 0.96
N GLU A 84 1.10 4.95 0.16
CA GLU A 84 2.37 5.21 -0.55
C GLU A 84 2.15 5.96 -1.88
N ASP A 85 2.58 7.22 -1.92
CA ASP A 85 2.35 8.10 -3.07
C ASP A 85 2.87 7.60 -4.44
N CYS A 86 3.92 6.77 -4.44
CA CYS A 86 4.50 6.31 -5.70
CA CYS A 86 4.51 6.29 -5.70
C CYS A 86 3.61 5.28 -6.40
N ILE A 87 2.67 4.69 -5.67
CA ILE A 87 1.73 3.72 -6.25
C ILE A 87 0.57 4.48 -6.94
N TYR A 88 -0.03 5.44 -6.23
CA TYR A 88 -1.18 6.20 -6.77
C TYR A 88 -0.91 6.98 -8.01
N ARG A 89 0.33 7.43 -8.16
CA ARG A 89 0.70 8.21 -9.33
C ARG A 89 0.60 7.42 -10.62
N ARG A 90 0.66 6.09 -10.51
CA ARG A 90 0.64 5.17 -11.66
C ARG A 90 -0.78 4.83 -12.11
N ILE A 91 -1.76 5.17 -11.29
CA ILE A 91 -3.16 4.89 -11.57
C ILE A 91 -3.66 5.92 -12.57
N HIS A 92 -4.42 5.46 -13.55
CA HIS A 92 -5.05 6.36 -14.51
C HIS A 92 -5.81 7.39 -13.69
N PRO A 93 -5.66 8.70 -14.00
CA PRO A 93 -6.28 9.76 -13.19
C PRO A 93 -7.81 9.67 -13.04
N GLU A 94 -8.51 9.20 -14.05
CA GLU A 94 -9.96 9.07 -13.96
C GLU A 94 -10.32 7.89 -13.05
N ASP A 95 -9.53 6.82 -13.12
CA ASP A 95 -9.76 5.65 -12.28
C ASP A 95 -9.44 5.99 -10.83
N LEU A 96 -8.47 6.87 -10.60
CA LEU A 96 -8.11 7.31 -9.27
C LEU A 96 -9.28 7.98 -8.55
N VAL A 97 -10.04 8.81 -9.27
CA VAL A 97 -11.19 9.49 -8.66
C VAL A 97 -12.20 8.47 -8.15
N GLU A 98 -12.53 7.47 -8.98
CA GLU A 98 -13.48 6.42 -8.60
C GLU A 98 -12.93 5.54 -7.47
N LYS A 99 -11.62 5.25 -7.49
CA LYS A 99 -11.02 4.47 -6.41
C LYS A 99 -11.20 5.15 -5.03
N ARG A 100 -10.95 6.45 -4.98
CA ARG A 100 -11.12 7.23 -3.74
C ARG A 100 -12.57 7.28 -3.31
N LEU A 101 -13.48 7.39 -4.26
CA LEU A 101 -14.91 7.40 -3.97
C LEU A 101 -15.31 6.05 -3.37
N GLU A 103 -13.27 3.92 -1.71
CA GLU A 103 -12.63 3.90 -0.38
C GLU A 103 -13.38 4.74 0.65
N TYR A 104 -13.83 5.92 0.23
CA TYR A 104 -14.53 6.80 1.12
C TYR A 104 -15.84 6.16 1.54
N LYS A 105 -16.58 5.60 0.60
CA LYS A 105 -17.84 4.93 0.93
C LYS A 105 -17.57 3.69 1.77
N PHE A 106 -16.51 2.95 1.44
CA PHE A 106 -16.16 1.75 2.18
C PHE A 106 -15.85 2.06 3.65
N PHE A 107 -14.95 3.02 3.88
CA PHE A 107 -14.59 3.44 5.23
C PHE A 107 -15.76 4.04 6.01
N GLN A 108 -16.54 4.90 5.39
CA GLN A 108 -17.70 5.43 6.08
C GLN A 108 -18.63 4.33 6.57
N LYS A 109 -18.89 3.34 5.72
CA LYS A 109 -19.72 2.19 6.09
C LYS A 109 -19.09 1.35 7.20
N THR A 110 -17.84 0.95 7.03
CA THR A 110 -17.18 0.06 7.97
C THR A 110 -16.90 0.69 9.34
N PHE A 111 -16.56 1.99 9.38
CA PHE A 111 -16.19 2.70 10.61
C PHE A 111 -17.39 2.97 11.54
N SER A 112 -18.59 2.72 11.04
CA SER A 112 -19.83 2.90 11.76
C SER A 112 -20.42 1.56 12.24
N SER A 114 -19.88 -2.51 13.97
CA SER A 114 -19.22 -3.16 15.09
C SER A 114 -17.89 -3.75 14.64
N PRO A 115 -16.94 -3.86 15.58
CA PRO A 115 -15.64 -4.44 15.24
C PRO A 115 -15.75 -5.80 14.52
N GLY A 116 -16.63 -6.68 14.99
CA GLY A 116 -16.83 -7.99 14.39
C GLY A 116 -17.45 -7.98 12.99
N GLU A 117 -18.45 -7.14 12.78
CA GLU A 117 -19.14 -7.04 11.47
C GLU A 117 -18.30 -6.37 10.38
N ARG A 118 -17.61 -5.29 10.72
CA ARG A 118 -16.82 -4.53 9.74
C ARG A 118 -15.73 -5.36 9.07
N LEU A 119 -15.33 -6.45 9.75
CA LEU A 119 -14.33 -7.37 9.21
C LEU A 119 -14.85 -8.26 8.06
N LYS A 120 -16.16 -8.34 7.93
CA LYS A 120 -16.81 -9.18 6.92
C LYS A 120 -16.98 -8.52 5.58
N TYR A 121 -16.52 -7.29 5.43
CA TYR A 121 -16.67 -6.54 4.18
C TYR A 121 -15.37 -6.39 3.37
N ARG A 122 -15.50 -6.33 2.03
CA ARG A 122 -14.37 -6.09 1.14
C ARG A 122 -14.75 -5.04 0.10
N GLY A 123 -13.88 -4.06 -0.10
CA GLY A 123 -14.04 -3.09 -1.19
C GLY A 123 -13.10 -3.51 -2.31
N ARG A 124 -13.65 -3.65 -3.52
CA ARG A 124 -12.85 -4.09 -4.66
C ARG A 124 -13.14 -3.26 -5.90
N CYS A 125 -12.16 -3.25 -6.81
CA CYS A 125 -12.30 -2.54 -8.09
C CYS A 125 -11.25 -3.06 -9.07
N ARG A 126 -11.37 -2.64 -10.32
CA ARG A 126 -10.38 -2.99 -11.36
C ARG A 126 -9.85 -1.68 -12.00
N LEU A 127 -8.58 -1.38 -11.73
CA LEU A 127 -7.95 -0.11 -12.08
C LEU A 127 -7.02 -0.22 -13.25
N ARG A 128 -6.86 0.87 -13.97
CA ARG A 128 -5.78 0.96 -14.96
C ARG A 128 -4.55 1.52 -14.27
N ASN A 131 2.54 0.61 -16.57
CA ASN A 131 3.73 -0.21 -16.33
C ASN A 131 5.03 0.53 -16.74
N GLU A 132 6.15 -0.18 -16.68
CA GLU A 132 7.48 0.39 -17.00
C GLU A 132 7.56 0.92 -18.44
N LYS A 133 6.78 0.32 -19.34
CA LYS A 133 6.77 0.72 -20.74
C LYS A 133 5.73 1.79 -21.08
N GLY A 134 5.10 2.37 -20.07
CA GLY A 134 4.13 3.42 -20.26
C GLY A 134 2.79 2.98 -20.82
N VAL A 135 2.45 1.69 -20.66
CA VAL A 135 1.16 1.18 -21.13
C VAL A 135 0.27 0.81 -19.93
N TYR A 136 -1.01 1.20 -20.03
CA TYR A 136 -1.96 0.90 -18.99
C TYR A 136 -2.37 -0.58 -19.05
N GLN A 137 -2.42 -1.24 -17.89
CA GLN A 137 -2.95 -2.61 -17.79
C GLN A 137 -3.97 -2.60 -16.66
N TYR A 138 -4.78 -3.66 -16.57
CA TYR A 138 -5.83 -3.75 -15.55
C TYR A 138 -5.37 -4.49 -14.30
N ILE A 139 -5.63 -3.86 -13.16
CA ILE A 139 -5.12 -4.33 -11.87
C ILE A 139 -6.30 -4.53 -10.93
N ASP A 140 -6.35 -5.68 -10.28
CA ASP A 140 -7.37 -5.92 -9.27
C ASP A 140 -6.91 -5.25 -8.01
N ASN A 141 -7.77 -4.43 -7.42
CA ASN A 141 -7.42 -3.72 -6.18
C ASN A 141 -8.40 -4.11 -5.06
N LEU A 142 -7.86 -4.34 -3.87
CA LEU A 142 -8.65 -4.69 -2.68
C LEU A 142 -8.40 -3.69 -1.55
N VAL A 143 -9.47 -3.30 -0.87
CA VAL A 143 -9.38 -2.51 0.39
C VAL A 143 -10.20 -3.26 1.45
N GLN A 144 -9.59 -3.57 2.58
CA GLN A 144 -10.26 -4.33 3.63
C GLN A 144 -9.75 -3.95 5.04
N ILE A 145 -10.63 -3.96 6.03
CA ILE A 145 -10.23 -3.77 7.41
C ILE A 145 -9.59 -5.10 7.81
N GLN A 147 -7.62 -5.49 10.96
CA GLN A 147 -7.39 -5.63 12.40
C GLN A 147 -7.98 -4.45 13.15
N ASN A 148 -8.72 -4.75 14.23
CA ASN A 148 -9.24 -3.76 15.17
C ASN A 148 -8.43 -3.78 16.47
N THR A 149 -8.52 -2.69 17.22
CA THR A 149 -7.84 -2.58 18.52
C THR A 149 -8.73 -3.22 19.60
N PRO A 150 -8.16 -3.52 20.79
CA PRO A 150 -9.00 -4.06 21.86
C PRO A 150 -10.23 -3.20 22.18
N ALA A 151 -10.08 -1.87 22.21
CA ALA A 151 -11.19 -0.96 22.50
C ALA A 151 -12.25 -0.84 21.37
N GLY A 152 -12.01 -1.44 20.22
CA GLY A 152 -13.00 -1.45 19.14
C GLY A 152 -12.78 -0.53 17.95
N ASN A 153 -11.55 -0.04 17.77
CA ASN A 153 -11.23 0.86 16.66
C ASN A 153 -10.51 0.16 15.51
N VAL A 154 -10.65 0.68 14.29
CA VAL A 154 -9.84 0.18 13.17
C VAL A 154 -8.36 0.50 13.47
N TRP A 155 -7.53 -0.51 13.34
CA TRP A 155 -6.10 -0.43 13.62
C TRP A 155 -5.32 -0.53 12.30
N LEU A 156 -5.56 -1.59 11.55
CA LEU A 156 -4.87 -1.85 10.29
C LEU A 156 -5.82 -1.99 9.10
N ILE A 157 -5.51 -1.27 8.01
CA ILE A 157 -6.21 -1.41 6.73
C ILE A 157 -5.27 -2.05 5.72
N PHE A 158 -5.79 -3.02 4.97
CA PHE A 158 -5.04 -3.82 4.04
C PHE A 158 -5.46 -3.46 2.61
N CYS A 159 -4.48 -3.15 1.76
CA CYS A 159 -4.69 -2.90 0.34
C CYS A 159 -3.87 -3.83 -0.48
N LEU A 160 -4.44 -4.30 -1.60
CA LEU A 160 -3.71 -5.26 -2.43
C LEU A 160 -3.87 -4.86 -3.89
N TYR A 161 -2.82 -5.09 -4.66
CA TYR A 161 -2.80 -4.83 -6.10
C TYR A 161 -2.20 -6.06 -6.79
N SER A 162 -2.88 -6.56 -7.80
CA SER A 162 -2.32 -7.63 -8.62
C SER A 162 -2.88 -7.57 -10.02
N LEU A 163 -2.14 -8.13 -10.98
CA LEU A 163 -2.53 -8.10 -12.38
C LEU A 163 -3.83 -8.87 -12.56
N SER A 164 -4.86 -8.19 -13.06
CA SER A 164 -6.16 -8.82 -13.25
C SER A 164 -6.16 -9.87 -14.35
N ALA A 165 -7.00 -10.90 -14.16
CA ALA A 165 -7.26 -11.89 -15.19
C ALA A 165 -8.12 -11.27 -16.30
N ASP A 166 -8.83 -10.19 -15.97
CA ASP A 166 -9.65 -9.47 -16.96
C ASP A 166 -8.95 -8.20 -17.49
N GLN A 167 -8.56 -8.22 -18.76
CA GLN A 167 -7.88 -7.10 -19.39
C GLN A 167 -8.75 -6.42 -20.43
N ARG A 168 -10.05 -6.71 -20.39
CA ARG A 168 -11.01 -6.08 -21.28
C ARG A 168 -11.42 -4.70 -20.77
N PRO A 169 -11.42 -3.68 -21.64
CA PRO A 169 -11.83 -2.35 -21.18
C PRO A 169 -13.33 -2.26 -20.89
N GLU A 170 -13.70 -1.47 -19.89
CA GLU A 170 -15.11 -1.17 -19.61
C GLU A 170 -15.19 0.18 -18.91
N GLN A 171 -16.31 0.86 -19.10
CA GLN A 171 -16.51 2.18 -18.50
C GLN A 171 -16.44 2.03 -16.98
N GLY A 172 -15.47 2.69 -16.34
CA GLY A 172 -15.33 2.65 -14.89
C GLY A 172 -14.51 1.49 -14.33
N ILE A 173 -14.32 1.51 -13.01
CA ILE A 173 -13.49 0.55 -12.30
C ILE A 173 -14.30 -0.60 -11.66
N TYR A 174 -15.58 -0.68 -11.98
CA TYR A 174 -16.49 -1.70 -11.45
C TYR A 174 -16.30 -1.88 -9.96
N ALA A 175 -16.47 -0.78 -9.22
CA ALA A 175 -16.26 -0.79 -7.78
C ALA A 175 -17.35 -1.60 -7.12
N THR A 176 -16.97 -2.44 -6.16
CA THR A 176 -17.93 -3.26 -5.43
C THR A 176 -17.62 -3.24 -3.93
N ILE A 177 -18.66 -3.51 -3.13
CA ILE A 177 -18.53 -3.79 -1.69
C ILE A 177 -19.24 -5.12 -1.42
N THR A 178 -18.48 -6.08 -0.92
CA THR A 178 -18.92 -7.46 -0.71
C THR A 178 -19.03 -7.78 0.78
N GLN A 179 -20.17 -8.35 1.19
CA GLN A 179 -20.30 -8.91 2.53
C GLN A 179 -20.07 -10.42 2.35
N GLU A 181 -19.84 -13.20 4.33
CA GLU A 181 -20.59 -14.26 5.01
C GLU A 181 -22.02 -14.38 4.47
N ARG A 182 -22.61 -13.25 4.12
CA ARG A 182 -23.96 -13.25 3.54
C ARG A 182 -23.93 -13.49 2.03
N GLY A 183 -22.74 -13.55 1.42
CA GLY A 183 -22.62 -13.75 -0.04
C GLY A 183 -23.28 -12.61 -0.82
N GLU A 184 -23.00 -11.37 -0.43
CA GLU A 184 -23.65 -10.18 -1.04
C GLU A 184 -22.63 -9.25 -1.68
N VAL A 185 -22.77 -9.00 -2.99
CA VAL A 185 -21.89 -8.11 -3.73
C VAL A 185 -22.69 -6.91 -4.23
N GLU A 186 -22.38 -5.74 -3.70
CA GLU A 186 -23.08 -4.50 -4.06
C GLU A 186 -22.20 -3.77 -5.04
N THR A 187 -22.74 -3.44 -6.20
CA THR A 187 -22.02 -2.67 -7.22
C THR A 187 -22.25 -1.19 -6.93
N LEU A 188 -21.19 -0.38 -6.93
CA LEU A 188 -21.33 1.06 -6.69
C LEU A 188 -21.49 1.84 -8.00
N SER A 189 -22.40 2.81 -8.01
CA SER A 189 -22.59 3.70 -9.15
C SER A 189 -22.04 5.07 -8.72
N LEU A 190 -20.91 5.44 -9.29
CA LEU A 190 -20.11 6.57 -8.78
C LEU A 190 -20.11 7.86 -9.63
N SER A 191 -20.79 7.84 -10.78
CA SER A 191 -20.82 8.98 -11.73
C SER A 191 -21.34 10.31 -11.18
N GLU A 192 -22.38 10.27 -10.37
CA GLU A 192 -22.95 11.48 -9.81
C GLU A 192 -22.01 12.09 -8.75
N GLU A 193 -21.38 11.25 -7.95
CA GLU A 193 -20.40 11.72 -6.96
C GLU A 193 -19.15 12.29 -7.65
N HIS A 194 -18.72 11.64 -8.74
CA HIS A 194 -17.57 12.07 -9.55
C HIS A 194 -17.78 13.50 -10.08
N ARG A 195 -18.97 13.73 -10.64
CA ARG A 195 -19.35 15.04 -11.18
C ARG A 195 -19.55 16.08 -10.08
N ASN A 196 -19.56 15.65 -8.81
CA ASN A 196 -19.74 16.55 -7.68
C ASN A 196 -18.52 16.72 -6.74
N ILE A 197 -17.36 16.22 -7.12
CA ILE A 197 -16.12 16.45 -6.39
C ILE A 197 -15.91 17.98 -6.24
N LEU A 198 -16.13 18.72 -7.33
CA LEU A 198 -16.11 20.17 -7.33
C LEU A 198 -17.54 20.71 -7.41
N SER A 199 -17.78 21.84 -6.76
CA SER A 199 -19.07 22.52 -6.84
C SER A 199 -19.19 23.22 -8.20
N GLU A 200 -20.40 23.65 -8.55
CA GLU A 200 -20.61 24.36 -9.81
C GLU A 200 -19.87 25.69 -9.79
N ARG A 201 -19.87 26.36 -8.64
CA ARG A 201 -19.08 27.58 -8.47
C ARG A 201 -17.56 27.33 -8.60
N GLU A 202 -17.06 26.25 -8.00
CA GLU A 202 -15.64 25.89 -8.13
C GLU A 202 -15.25 25.58 -9.60
N LYS A 203 -16.12 24.88 -10.32
CA LYS A 203 -15.94 24.61 -11.74
C LYS A 203 -15.90 25.91 -12.55
N GLU A 204 -16.86 26.82 -12.31
CA GLU A 204 -16.87 28.14 -12.97
C GLU A 204 -15.55 28.88 -12.76
N ILE A 205 -15.10 28.91 -11.51
CA ILE A 205 -13.87 29.62 -11.18
C ILE A 205 -12.67 29.02 -11.90
N LEU A 206 -12.58 27.69 -11.97
CA LEU A 206 -11.48 27.03 -12.69
C LEU A 206 -11.47 27.31 -14.20
N ARG A 207 -12.65 27.32 -14.82
CA ARG A 207 -12.78 27.69 -16.23
C ARG A 207 -12.27 29.11 -16.50
N CYS A 208 -12.55 30.04 -15.59
CA CYS A 208 -12.08 31.41 -15.74
C CYS A 208 -10.56 31.48 -15.61
N ILE A 209 -10.03 30.75 -14.63
CA ILE A 209 -8.59 30.70 -14.46
C ILE A 209 -7.95 30.17 -15.75
N ARG A 210 -8.48 29.08 -16.27
CA ARG A 210 -7.96 28.44 -17.49
C ARG A 210 -7.99 29.41 -18.66
N LYS A 211 -9.09 30.16 -18.72
CA LYS A 211 -9.31 31.21 -19.71
C LYS A 211 -8.37 32.42 -19.50
N GLY A 212 -7.65 32.45 -18.38
CA GLY A 212 -6.67 33.51 -18.10
C GLY A 212 -7.11 34.71 -17.27
N LEU A 213 -8.31 34.65 -16.69
CA LEU A 213 -8.81 35.76 -15.86
C LEU A 213 -8.09 35.84 -14.52
N SER A 214 -7.86 37.06 -14.07
CA SER A 214 -7.30 37.30 -12.74
C SER A 214 -8.45 37.16 -11.71
N SER A 215 -8.10 37.06 -10.43
CA SER A 215 -9.12 37.00 -9.35
C SER A 215 -10.08 38.18 -9.40
N LYS A 216 -9.51 39.34 -9.65
CA LYS A 216 -10.23 40.61 -9.78
C LYS A 216 -11.28 40.55 -10.92
N GLU A 217 -10.87 40.02 -12.06
CA GLU A 217 -11.77 39.83 -13.20
C GLU A 217 -12.81 38.74 -12.96
N ILE A 218 -12.44 37.67 -12.25
CA ILE A 218 -13.40 36.62 -11.86
C ILE A 218 -14.43 37.24 -10.89
N ALA A 219 -13.95 38.05 -9.96
CA ALA A 219 -14.83 38.74 -9.03
C ALA A 219 -15.86 39.59 -9.79
N ALA A 220 -15.43 40.35 -10.79
CA ALA A 220 -16.38 41.17 -11.59
C ALA A 220 -17.41 40.33 -12.36
N THR A 221 -16.98 39.23 -12.99
CA THR A 221 -17.90 38.40 -13.79
C THR A 221 -18.91 37.61 -12.95
N LEU A 222 -18.50 37.17 -11.77
CA LEU A 222 -19.39 36.39 -10.91
C LEU A 222 -20.10 37.22 -9.83
N TYR A 223 -19.72 38.48 -9.71
CA TYR A 223 -20.28 39.40 -8.69
C TYR A 223 -20.04 38.87 -7.28
N ILE A 224 -18.78 38.59 -7.00
CA ILE A 224 -18.34 38.17 -5.68
C ILE A 224 -17.06 38.96 -5.39
N SER A 225 -16.56 38.91 -4.17
CA SER A 225 -15.35 39.64 -3.81
C SER A 225 -14.11 38.82 -4.18
N VAL A 226 -12.96 39.48 -4.28
CA VAL A 226 -11.69 38.80 -4.47
C VAL A 226 -11.36 37.87 -3.28
N ASN A 227 -11.70 38.29 -2.06
CA ASN A 227 -11.55 37.45 -0.88
C ASN A 227 -12.27 36.12 -1.07
N THR A 228 -13.51 36.20 -1.57
CA THR A 228 -14.31 35.02 -1.88
C THR A 228 -13.71 34.18 -3.02
N VAL A 229 -13.27 34.84 -4.10
CA VAL A 229 -12.64 34.12 -5.22
C VAL A 229 -11.42 33.34 -4.68
N ASN A 230 -10.64 33.99 -3.82
CA ASN A 230 -9.39 33.40 -3.33
C ASN A 230 -9.63 32.29 -2.33
N ARG A 231 -10.69 32.36 -1.53
CA ARG A 231 -11.10 31.24 -0.69
C ARG A 231 -11.53 30.04 -1.53
N HIS A 232 -12.31 30.26 -2.60
CA HIS A 232 -12.65 29.16 -3.51
C HIS A 232 -11.36 28.55 -4.10
N ARG A 233 -10.42 29.38 -4.53
CA ARG A 233 -9.18 28.87 -5.16
C ARG A 233 -8.42 27.98 -4.21
N GLN A 234 -8.33 28.42 -2.95
CA GLN A 234 -7.60 27.65 -1.95
C GLN A 234 -8.33 26.35 -1.64
N ASN A 235 -9.66 26.41 -1.59
CA ASN A 235 -10.49 25.21 -1.41
C ASN A 235 -10.23 24.18 -2.51
N ILE A 236 -10.20 24.63 -3.77
CA ILE A 236 -9.93 23.79 -4.94
C ILE A 236 -8.53 23.15 -4.86
N LEU A 237 -7.52 23.94 -4.50
CA LEU A 237 -6.15 23.39 -4.40
C LEU A 237 -6.09 22.22 -3.39
N GLU A 238 -6.81 22.39 -2.28
CA GLU A 238 -6.87 21.37 -1.25
C GLU A 238 -7.64 20.14 -1.72
N LYS A 239 -8.78 20.35 -2.36
CA LYS A 239 -9.59 19.26 -2.89
C LYS A 239 -8.86 18.35 -3.87
N LEU A 240 -7.96 18.94 -4.66
CA LEU A 240 -7.21 18.23 -5.70
C LEU A 240 -5.78 17.91 -5.30
N SER A 241 -5.39 18.24 -4.07
CA SER A 241 -4.04 17.98 -3.60
C SER A 241 -2.95 18.52 -4.56
N VAL A 242 -3.13 19.75 -5.01
CA VAL A 242 -2.13 20.41 -5.89
C VAL A 242 -1.65 21.72 -5.24
N GLY A 243 -0.56 22.27 -5.77
CA GLY A 243 0.11 23.42 -5.16
C GLY A 243 -0.18 24.78 -5.76
N ASN A 244 -0.75 24.81 -6.96
CA ASN A 244 -1.05 26.07 -7.64
C ASN A 244 -2.19 25.92 -8.62
N SER A 245 -2.64 27.04 -9.17
CA SER A 245 -3.80 27.08 -10.03
C SER A 245 -3.59 26.45 -11.41
N ILE A 246 -2.34 26.41 -11.90
CA ILE A 246 -2.05 25.75 -13.19
C ILE A 246 -2.20 24.25 -13.02
N GLU A 247 -1.56 23.71 -11.98
CA GLU A 247 -1.68 22.29 -11.60
C GLU A 247 -3.15 21.92 -11.39
N ALA A 248 -3.94 22.81 -10.77
CA ALA A 248 -5.37 22.57 -10.55
C ALA A 248 -6.13 22.42 -11.85
N CYS A 249 -5.87 23.30 -12.82
CA CYS A 249 -6.57 23.22 -14.11
C CYS A 249 -6.24 21.92 -14.82
N ARG A 250 -4.98 21.56 -14.82
CA ARG A 250 -4.51 20.34 -15.43
C ARG A 250 -5.11 19.10 -14.77
N ALA A 251 -5.16 19.09 -13.43
CA ALA A 251 -5.70 17.98 -12.66
C ALA A 251 -7.21 17.81 -12.89
N ALA A 252 -7.94 18.92 -12.89
CA ALA A 252 -9.38 18.88 -13.12
C ALA A 252 -9.70 18.32 -14.53
N GLU A 253 -8.89 18.68 -15.52
CA GLU A 253 -9.05 18.17 -16.87
C GLU A 253 -8.77 16.66 -16.96
N LEU A 254 -7.61 16.25 -16.44
CA LEU A 254 -7.21 14.84 -16.45
C LEU A 254 -8.12 13.92 -15.64
N LYS A 256 -11.28 14.62 -15.08
CA LYS A 256 -12.60 14.85 -15.64
C LYS A 256 -13.60 15.32 -14.61
N LEU A 257 -13.20 16.38 -13.89
CA LEU A 257 -13.99 16.97 -12.80
C LEU A 257 -14.78 18.22 -13.20
N LEU A 258 -14.59 18.74 -14.41
CA LEU A 258 -15.26 19.99 -14.87
C LEU A 258 -16.57 19.77 -15.63
N GLY B 1 -18.65 -39.00 -8.12
CA GLY B 1 -19.28 -37.83 -8.81
C GLY B 1 -18.78 -37.68 -10.24
N ASP B 3 -17.24 -36.26 -13.57
CA ASP B 3 -16.02 -35.46 -13.73
C ASP B 3 -15.40 -35.80 -15.07
N VAL B 4 -14.52 -34.96 -15.57
CA VAL B 4 -13.80 -35.24 -16.83
C VAL B 4 -12.29 -35.08 -16.68
N LEU B 5 -11.57 -35.70 -17.61
CA LEU B 5 -10.12 -35.61 -17.74
C LEU B 5 -9.32 -36.10 -16.56
N GLN B 6 -9.94 -36.88 -15.69
CA GLN B 6 -9.22 -37.40 -14.52
C GLN B 6 -8.00 -38.23 -14.95
N LYS B 7 -8.16 -39.13 -15.91
CA LYS B 7 -7.04 -39.94 -16.40
C LYS B 7 -5.90 -39.09 -16.99
N GLU B 8 -6.27 -38.12 -17.83
CA GLU B 8 -5.30 -37.27 -18.50
C GLU B 8 -4.46 -36.41 -17.54
N ILE B 9 -5.11 -35.85 -16.51
CA ILE B 9 -4.45 -35.00 -15.52
C ILE B 9 -3.51 -35.86 -14.67
N ASP B 10 -3.93 -37.08 -14.30
CA ASP B 10 -3.08 -38.01 -13.53
C ASP B 10 -1.85 -38.42 -14.33
N GLU B 11 -1.98 -38.43 -15.65
CA GLU B 11 -0.86 -38.73 -16.55
C GLU B 11 0.17 -37.62 -16.51
N VAL B 12 -0.29 -36.36 -16.47
CA VAL B 12 0.63 -35.22 -16.37
C VAL B 12 1.39 -35.28 -15.05
N TYR B 13 0.65 -35.47 -13.95
CA TYR B 13 1.25 -35.64 -12.62
C TYR B 13 2.30 -36.75 -12.60
N ALA B 14 2.02 -37.85 -13.31
CA ALA B 14 2.92 -39.00 -13.38
C ALA B 14 4.23 -38.72 -14.10
N THR B 15 4.35 -37.58 -14.80
CA THR B 15 5.60 -37.24 -15.46
C THR B 15 6.66 -36.72 -14.49
N HIS B 16 6.26 -36.39 -13.25
CA HIS B 16 7.19 -35.96 -12.22
C HIS B 16 7.25 -37.01 -11.10
N PRO B 17 8.44 -37.59 -10.82
CA PRO B 17 8.55 -38.62 -9.79
C PRO B 17 8.77 -38.02 -8.38
N THR B 18 7.78 -37.24 -7.94
CA THR B 18 7.83 -36.52 -6.66
C THR B 18 7.79 -37.44 -5.44
N ALA B 19 7.04 -38.54 -5.55
CA ALA B 19 6.86 -39.49 -4.45
C ALA B 19 8.13 -40.27 -4.09
N HIS B 20 9.17 -40.14 -4.92
CA HIS B 20 10.44 -40.87 -4.73
C HIS B 20 11.50 -40.06 -3.97
N GLU B 21 11.18 -38.82 -3.62
CA GLU B 21 12.14 -37.94 -2.91
C GLU B 21 11.92 -37.89 -1.40
N ALA B 22 13.03 -37.70 -0.67
CA ALA B 22 13.00 -37.51 0.78
C ALA B 22 12.80 -36.02 1.05
N LEU B 23 11.55 -35.65 1.34
CA LEU B 23 11.17 -34.24 1.46
C LEU B 23 10.93 -33.77 2.90
N ASP B 24 11.17 -32.47 3.11
CA ASP B 24 11.00 -31.81 4.42
C ASP B 24 9.54 -31.40 4.63
N ASN B 25 8.90 -31.91 5.69
CA ASN B 25 7.48 -31.61 5.92
C ASN B 25 7.20 -30.21 6.49
N GLY B 26 8.21 -29.59 7.08
CA GLY B 26 8.09 -28.25 7.63
C GLY B 26 7.71 -27.21 6.58
N ILE B 27 8.06 -27.50 5.33
CA ILE B 27 7.69 -26.64 4.20
C ILE B 27 6.18 -26.67 3.97
N VAL B 28 5.60 -27.87 4.08
CA VAL B 28 4.16 -28.06 3.91
C VAL B 28 3.38 -27.39 5.04
N GLU B 29 3.93 -27.44 6.26
CA GLU B 29 3.31 -26.81 7.44
C GLU B 29 3.28 -25.29 7.32
N GLN B 30 4.38 -24.70 6.83
CA GLN B 30 4.43 -23.25 6.59
C GLN B 30 3.37 -22.80 5.59
N HIS B 31 3.17 -23.60 4.54
CA HIS B 31 2.18 -23.30 3.51
C HIS B 31 0.74 -23.47 4.03
N GLN B 32 0.54 -24.44 4.92
CA GLN B 32 -0.78 -24.66 5.52
C GLN B 32 -1.19 -23.49 6.43
N GLN B 33 -0.21 -22.90 7.09
CA GLN B 33 -0.44 -21.75 7.96
C GLN B 33 -0.76 -20.51 7.14
N PHE B 34 -0.04 -20.33 6.04
CA PHE B 34 -0.30 -19.22 5.13
C PHE B 34 -1.72 -19.28 4.56
N VAL B 35 -2.15 -20.49 4.20
CA VAL B 35 -3.44 -20.70 3.58
C VAL B 35 -4.60 -20.46 4.56
N ARG B 36 -4.42 -20.85 5.83
CA ARG B 36 -5.42 -20.53 6.86
C ARG B 36 -5.53 -19.02 7.06
N SER B 37 -4.39 -18.33 7.10
CA SER B 37 -4.38 -16.87 7.24
C SER B 37 -5.09 -16.18 6.06
N LEU B 38 -4.78 -16.63 4.85
CA LEU B 38 -5.40 -16.12 3.63
C LEU B 38 -6.91 -16.31 3.61
N THR B 39 -7.40 -17.48 4.05
CA THR B 39 -8.84 -17.73 4.09
C THR B 39 -9.52 -16.83 5.14
N GLU B 40 -8.76 -16.41 6.16
CA GLU B 40 -9.26 -15.45 7.17
C GLU B 40 -9.42 -14.03 6.62
N VAL B 41 -8.79 -13.76 5.47
CA VAL B 41 -8.94 -12.51 4.73
C VAL B 41 -10.00 -12.63 3.61
N ASN B 42 -9.95 -13.67 2.79
CA ASN B 42 -10.91 -13.80 1.67
C ASN B 42 -12.25 -14.50 1.98
N GLY B 43 -12.40 -15.02 3.20
CA GLY B 43 -13.62 -15.72 3.63
C GLY B 43 -14.00 -16.91 2.77
N GLY B 44 -13.00 -17.54 2.16
CA GLY B 44 -13.22 -18.59 1.20
C GLY B 44 -12.62 -19.91 1.56
N CYS B 45 -12.09 -20.57 0.54
CA CYS B 45 -11.61 -21.93 0.67
C CYS B 45 -10.31 -22.16 -0.09
N ALA B 46 -9.38 -22.85 0.56
CA ALA B 46 -8.07 -23.17 -0.01
C ALA B 46 -7.81 -24.69 0.00
N VAL B 47 -7.27 -25.21 -1.10
CA VAL B 47 -6.81 -26.60 -1.19
C VAL B 47 -5.32 -26.68 -1.58
N ILE B 48 -4.52 -27.41 -0.81
CA ILE B 48 -3.12 -27.65 -1.14
C ILE B 48 -3.01 -29.13 -1.50
N SER B 49 -2.72 -29.42 -2.77
CA SER B 49 -2.56 -30.78 -3.26
C SER B 49 -1.09 -31.14 -3.23
N ASP B 50 -0.76 -32.22 -2.53
CA ASP B 50 0.60 -32.65 -2.30
C ASP B 50 0.92 -33.85 -3.21
N LEU B 51 1.65 -33.62 -4.29
CA LEU B 51 1.99 -34.69 -5.23
C LEU B 51 2.91 -35.77 -4.66
N SER B 52 3.64 -35.47 -3.57
CA SER B 52 4.56 -36.45 -2.98
C SER B 52 3.84 -37.61 -2.29
N ASN B 53 2.60 -37.39 -1.85
CA ASN B 53 1.80 -38.43 -1.20
C ASN B 53 0.36 -38.55 -1.70
N ARG B 54 0.02 -37.79 -2.75
CA ARG B 54 -1.32 -37.80 -3.33
C ARG B 54 -2.43 -37.46 -2.33
N LYS B 55 -2.14 -36.52 -1.43
CA LYS B 55 -3.13 -36.06 -0.43
C LYS B 55 -3.44 -34.58 -0.61
N SER B 56 -4.64 -34.20 -0.21
CA SER B 56 -5.08 -32.80 -0.26
C SER B 56 -5.34 -32.28 1.15
N TYR B 57 -4.95 -31.03 1.40
CA TYR B 57 -5.25 -30.37 2.66
C TYR B 57 -6.26 -29.27 2.36
N VAL B 58 -7.44 -29.35 2.98
CA VAL B 58 -8.52 -28.42 2.71
C VAL B 58 -8.79 -27.51 3.91
N THR B 59 -8.87 -26.20 3.65
CA THR B 59 -9.24 -25.21 4.66
C THR B 59 -10.48 -24.51 4.15
N VAL B 60 -11.55 -24.54 4.94
CA VAL B 60 -12.81 -23.88 4.61
C VAL B 60 -13.07 -22.89 5.74
N HIS B 61 -13.22 -21.62 5.39
CA HIS B 61 -13.52 -20.59 6.38
C HIS B 61 -15.01 -20.61 6.73
N PRO B 62 -15.38 -20.31 7.99
CA PRO B 62 -16.80 -20.19 8.36
C PRO B 62 -17.65 -19.24 7.52
N TRP B 63 -17.04 -18.28 6.84
CA TRP B 63 -17.78 -17.34 5.99
C TRP B 63 -17.99 -17.85 4.56
N ALA B 64 -17.45 -19.03 4.24
CA ALA B 64 -17.52 -19.59 2.88
C ALA B 64 -18.87 -20.27 2.64
N ASN B 65 -19.95 -19.57 2.94
CA ASN B 65 -21.29 -20.14 2.77
C ASN B 65 -21.64 -20.38 1.28
N PHE B 66 -20.92 -19.72 0.37
CA PHE B 66 -21.12 -19.89 -1.07
C PHE B 66 -20.82 -21.31 -1.58
N LEU B 67 -20.05 -22.06 -0.80
CA LEU B 67 -19.72 -23.44 -1.11
C LEU B 67 -20.91 -24.36 -0.89
N GLY B 68 -21.78 -23.99 0.05
CA GLY B 68 -22.95 -24.79 0.39
C GLY B 68 -22.59 -26.14 0.99
N LEU B 69 -21.44 -26.21 1.66
CA LEU B 69 -21.02 -27.45 2.30
C LEU B 69 -21.85 -27.71 3.54
N THR B 70 -22.02 -28.99 3.87
CA THR B 70 -22.67 -29.41 5.11
C THR B 70 -21.65 -29.34 6.26
N PRO B 71 -22.14 -29.26 7.50
CA PRO B 71 -21.28 -29.28 8.69
C PRO B 71 -20.16 -30.36 8.66
N GLU B 72 -20.51 -31.57 8.19
CA GLU B 72 -19.57 -32.70 8.11
C GLU B 72 -18.48 -32.52 7.02
N GLU B 73 -18.88 -31.93 5.88
CA GLU B 73 -17.97 -31.68 4.76
C GLU B 73 -17.01 -30.50 4.97
N ALA B 74 -17.40 -29.61 5.90
CA ALA B 74 -16.61 -28.42 6.27
C ALA B 74 -15.57 -28.81 7.32
N ALA B 75 -15.96 -29.74 8.19
CA ALA B 75 -15.09 -30.31 9.25
C ALA B 75 -13.80 -30.97 8.70
N LEU B 76 -13.80 -31.34 7.41
CA LEU B 76 -12.61 -31.92 6.76
C LEU B 76 -11.39 -30.97 6.81
N SER B 77 -10.23 -31.61 6.98
CA SER B 77 -8.91 -30.95 7.01
C SER B 77 -7.93 -31.64 6.03
N VAL B 78 -8.12 -32.94 5.82
CA VAL B 78 -7.27 -33.73 4.91
C VAL B 78 -8.10 -34.73 4.07
N ILE B 79 -8.13 -34.51 2.74
CA ILE B 79 -8.76 -35.42 1.76
C ILE B 79 -7.65 -36.34 1.21
N ASP B 80 -8.03 -37.53 0.74
CA ASP B 80 -7.05 -38.53 0.24
C ASP B 80 -6.90 -38.55 -1.29
N SER B 81 -7.39 -37.52 -1.97
CA SER B 81 -7.22 -37.41 -3.42
C SER B 81 -6.32 -36.21 -3.69
N ASP B 83 -7.59 -34.05 -5.52
CA ASP B 83 -8.74 -33.16 -5.64
C ASP B 83 -9.57 -33.13 -4.33
N GLU B 84 -10.11 -31.95 -3.98
CA GLU B 84 -11.05 -31.80 -2.86
C GLU B 84 -12.44 -32.20 -3.38
N ASP B 85 -12.77 -33.49 -3.26
CA ASP B 85 -13.91 -34.07 -4.00
C ASP B 85 -15.30 -33.46 -3.77
N CYS B 86 -15.60 -33.05 -2.54
CA CYS B 86 -16.92 -32.49 -2.24
C CYS B 86 -17.04 -30.99 -2.55
N ILE B 87 -15.91 -30.35 -2.83
CA ILE B 87 -15.92 -28.98 -3.29
C ILE B 87 -16.32 -29.00 -4.77
N TYR B 88 -15.67 -29.89 -5.53
CA TYR B 88 -15.92 -30.05 -6.95
C TYR B 88 -17.39 -30.33 -7.28
N ARG B 89 -18.03 -31.11 -6.41
CA ARG B 89 -19.44 -31.45 -6.56
C ARG B 89 -20.33 -30.20 -6.59
N ARG B 90 -19.83 -29.09 -6.05
CA ARG B 90 -20.62 -27.86 -5.92
C ARG B 90 -20.56 -26.97 -7.16
N ILE B 91 -19.63 -27.28 -8.06
CA ILE B 91 -19.44 -26.50 -9.27
C ILE B 91 -20.49 -26.89 -10.31
N HIS B 92 -21.06 -25.89 -10.98
CA HIS B 92 -21.97 -26.10 -12.10
C HIS B 92 -21.29 -27.07 -13.08
N PRO B 93 -22.00 -28.15 -13.49
CA PRO B 93 -21.44 -29.20 -14.36
C PRO B 93 -20.79 -28.72 -15.66
N GLU B 94 -21.37 -27.70 -16.29
CA GLU B 94 -20.78 -27.11 -17.50
C GLU B 94 -19.47 -26.40 -17.19
N ASP B 95 -19.44 -25.72 -16.05
CA ASP B 95 -18.25 -25.00 -15.63
C ASP B 95 -17.16 -25.95 -15.18
N LEU B 96 -17.55 -27.10 -14.64
CA LEU B 96 -16.57 -28.12 -14.21
C LEU B 96 -15.76 -28.65 -15.38
N VAL B 97 -16.43 -28.86 -16.52
CA VAL B 97 -15.76 -29.31 -17.75
C VAL B 97 -14.69 -28.29 -18.19
N GLU B 98 -15.07 -27.02 -18.22
CA GLU B 98 -14.13 -25.97 -18.60
C GLU B 98 -12.97 -25.84 -17.60
N LYS B 99 -13.28 -25.91 -16.30
CA LYS B 99 -12.25 -25.88 -15.25
C LYS B 99 -11.20 -26.96 -15.48
N ARG B 100 -11.69 -28.16 -15.76
CA ARG B 100 -10.84 -29.33 -16.03
C ARG B 100 -9.97 -29.14 -17.26
N LEU B 101 -10.54 -28.54 -18.30
CA LEU B 101 -9.79 -28.22 -19.52
C LEU B 101 -8.68 -27.21 -19.24
N GLU B 103 -7.24 -26.61 -16.25
CA GLU B 103 -6.27 -27.27 -15.39
C GLU B 103 -5.33 -28.18 -16.18
N TYR B 104 -5.89 -28.93 -17.13
CA TYR B 104 -5.08 -29.84 -17.96
C TYR B 104 -4.09 -29.06 -18.80
N LYS B 105 -4.55 -28.01 -19.49
CA LYS B 105 -3.66 -27.13 -20.26
C LYS B 105 -2.60 -26.48 -19.37
N PHE B 106 -3.04 -25.97 -18.22
CA PHE B 106 -2.15 -25.34 -17.27
C PHE B 106 -1.06 -26.26 -16.76
N PHE B 107 -1.41 -27.49 -16.39
CA PHE B 107 -0.42 -28.46 -15.87
C PHE B 107 0.48 -29.02 -16.94
N GLN B 108 -0.06 -29.23 -18.14
CA GLN B 108 0.76 -29.63 -19.27
C GLN B 108 1.85 -28.60 -19.50
N LYS B 109 1.44 -27.33 -19.52
CA LYS B 109 2.35 -26.21 -19.70
C LYS B 109 3.40 -26.11 -18.57
N THR B 110 2.95 -25.96 -17.33
CA THR B 110 3.85 -25.77 -16.19
C THR B 110 4.75 -26.98 -15.90
N PHE B 111 4.24 -28.20 -16.04
CA PHE B 111 5.05 -29.40 -15.74
C PHE B 111 6.19 -29.61 -16.74
N SER B 112 6.04 -29.10 -17.97
CA SER B 112 7.08 -29.25 -19.00
C SER B 112 8.10 -28.10 -19.00
N SER B 114 10.80 -25.29 -16.79
CA SER B 114 11.78 -25.31 -15.73
C SER B 114 11.10 -25.00 -14.37
N PRO B 115 11.69 -25.50 -13.25
CA PRO B 115 11.12 -25.26 -11.92
C PRO B 115 10.93 -23.77 -11.60
N GLY B 116 11.95 -22.95 -11.89
CA GLY B 116 11.85 -21.53 -11.64
C GLY B 116 10.81 -20.80 -12.46
N GLU B 117 10.63 -21.21 -13.71
CA GLU B 117 9.67 -20.56 -14.63
C GLU B 117 8.24 -20.91 -14.35
N ARG B 118 8.01 -22.16 -13.94
CA ARG B 118 6.65 -22.65 -13.75
C ARG B 118 5.96 -21.90 -12.63
N LEU B 119 6.74 -21.38 -11.68
CA LEU B 119 6.19 -20.64 -10.52
C LEU B 119 5.64 -19.26 -10.87
N LYS B 120 6.05 -18.73 -12.03
CA LYS B 120 5.62 -17.40 -12.49
C LYS B 120 4.25 -17.40 -13.14
N TYR B 121 3.63 -18.57 -13.26
CA TYR B 121 2.35 -18.72 -13.96
C TYR B 121 1.16 -18.95 -13.01
N ARG B 122 0.00 -18.50 -13.46
CA ARG B 122 -1.26 -18.73 -12.72
C ARG B 122 -2.46 -18.93 -13.64
N GLY B 123 -3.23 -19.95 -13.32
CA GLY B 123 -4.43 -20.28 -14.06
C GLY B 123 -5.59 -19.77 -13.24
N ARG B 124 -6.51 -19.06 -13.90
CA ARG B 124 -7.64 -18.49 -13.21
C ARG B 124 -8.91 -18.62 -14.04
N CYS B 125 -10.04 -18.51 -13.36
CA CYS B 125 -11.34 -18.61 -14.00
C CYS B 125 -12.41 -18.14 -13.01
N ARG B 126 -13.64 -18.06 -13.50
CA ARG B 126 -14.77 -17.66 -12.69
C ARG B 126 -15.87 -18.70 -12.87
N LEU B 127 -16.11 -19.45 -11.80
CA LEU B 127 -17.01 -20.59 -11.78
C LEU B 127 -18.32 -20.28 -11.07
N ARG B 128 -19.37 -20.99 -11.47
CA ARG B 128 -20.62 -21.00 -10.72
C ARG B 128 -20.56 -22.15 -9.72
N ASN B 131 -24.90 -22.76 -3.56
CA ASN B 131 -24.89 -22.58 -2.09
C ASN B 131 -25.94 -23.50 -1.41
N GLU B 132 -26.20 -23.23 -0.12
CA GLU B 132 -27.16 -24.00 0.70
C GLU B 132 -28.62 -23.94 0.23
N LYS B 133 -28.96 -22.91 -0.53
CA LYS B 133 -30.32 -22.78 -1.04
C LYS B 133 -30.43 -23.18 -2.53
N GLY B 134 -29.41 -23.88 -3.03
CA GLY B 134 -29.37 -24.32 -4.41
C GLY B 134 -29.19 -23.22 -5.46
N VAL B 135 -28.64 -22.07 -5.07
CA VAL B 135 -28.46 -20.97 -6.01
C VAL B 135 -27.01 -20.87 -6.41
N TYR B 136 -26.80 -20.68 -7.71
CA TYR B 136 -25.46 -20.55 -8.27
C TYR B 136 -24.99 -19.09 -8.12
N GLN B 137 -23.77 -18.95 -7.60
CA GLN B 137 -23.11 -17.66 -7.48
C GLN B 137 -21.73 -17.78 -8.13
N TYR B 138 -21.15 -16.64 -8.52
CA TYR B 138 -19.89 -16.62 -9.23
C TYR B 138 -18.71 -16.53 -8.29
N ILE B 139 -17.77 -17.46 -8.49
CA ILE B 139 -16.63 -17.66 -7.62
C ILE B 139 -15.35 -17.54 -8.42
N ASP B 140 -14.38 -16.78 -7.92
CA ASP B 140 -13.05 -16.73 -8.52
C ASP B 140 -12.24 -17.96 -8.10
N ASN B 141 -11.63 -18.64 -9.06
CA ASN B 141 -10.85 -19.83 -8.78
C ASN B 141 -9.41 -19.65 -9.26
N LEU B 142 -8.45 -20.07 -8.45
CA LEU B 142 -7.04 -20.02 -8.83
C LEU B 142 -6.42 -21.40 -8.76
N VAL B 143 -5.59 -21.72 -9.75
CA VAL B 143 -4.72 -22.89 -9.71
C VAL B 143 -3.28 -22.39 -9.97
N GLN B 144 -2.34 -22.81 -9.13
CA GLN B 144 -0.98 -22.28 -9.21
C GLN B 144 0.01 -23.26 -8.59
N ILE B 145 1.16 -23.41 -9.23
CA ILE B 145 2.22 -24.24 -8.65
C ILE B 145 2.77 -23.43 -7.47
N GLN B 147 4.98 -24.91 -4.80
CA GLN B 147 6.30 -25.35 -4.34
C GLN B 147 6.84 -26.44 -5.26
N ASN B 148 8.16 -26.46 -5.41
CA ASN B 148 8.86 -27.51 -6.16
C ASN B 148 9.77 -28.25 -5.20
N THR B 149 10.10 -29.50 -5.53
CA THR B 149 11.00 -30.28 -4.71
C THR B 149 12.44 -29.83 -5.02
N PRO B 150 13.38 -30.17 -4.13
CA PRO B 150 14.78 -29.84 -4.41
C PRO B 150 15.28 -30.33 -5.79
N ALA B 151 14.81 -31.49 -6.24
CA ALA B 151 15.22 -32.05 -7.53
C ALA B 151 14.42 -31.46 -8.72
N GLY B 152 13.57 -30.47 -8.46
CA GLY B 152 12.86 -29.76 -9.53
C GLY B 152 11.46 -30.23 -9.87
N ASN B 153 10.96 -31.22 -9.16
CA ASN B 153 9.62 -31.73 -9.43
C ASN B 153 8.55 -30.87 -8.75
N VAL B 154 7.35 -30.83 -9.32
CA VAL B 154 6.22 -30.14 -8.68
C VAL B 154 5.89 -30.87 -7.39
N TRP B 155 5.80 -30.12 -6.29
CA TRP B 155 5.52 -30.68 -4.96
C TRP B 155 4.10 -30.31 -4.52
N LEU B 156 3.82 -29.01 -4.39
CA LEU B 156 2.52 -28.56 -3.92
C LEU B 156 1.82 -27.71 -4.96
N ILE B 157 0.54 -28.00 -5.18
CA ILE B 157 -0.31 -27.22 -6.07
C ILE B 157 -1.34 -26.51 -5.20
N PHE B 158 -1.56 -25.24 -5.49
CA PHE B 158 -2.42 -24.41 -4.68
C PHE B 158 -3.71 -24.08 -5.44
N CYS B 159 -4.85 -24.29 -4.80
CA CYS B 159 -6.15 -23.94 -5.35
C CYS B 159 -6.93 -23.03 -4.42
N LEU B 160 -7.58 -22.01 -4.97
CA LEU B 160 -8.27 -21.05 -4.13
C LEU B 160 -9.66 -20.75 -4.69
N TYR B 161 -10.60 -20.57 -3.79
CA TYR B 161 -11.97 -20.22 -4.13
C TYR B 161 -12.40 -19.04 -3.22
N SER B 162 -13.02 -18.02 -3.82
CA SER B 162 -13.58 -16.91 -3.09
C SER B 162 -14.71 -16.27 -3.90
N LEU B 163 -15.66 -15.65 -3.20
CA LEU B 163 -16.80 -15.03 -3.86
C LEU B 163 -16.28 -13.91 -4.75
N SER B 164 -16.60 -13.97 -6.04
CA SER B 164 -16.09 -12.99 -6.99
C SER B 164 -16.82 -11.64 -6.88
N ALA B 165 -16.11 -10.56 -7.16
CA ALA B 165 -16.70 -9.20 -7.24
C ALA B 165 -17.66 -9.11 -8.44
N ASP B 166 -17.43 -9.95 -9.45
CA ASP B 166 -18.25 -9.96 -10.66
C ASP B 166 -19.28 -11.09 -10.65
N GLN B 167 -20.54 -10.71 -10.45
CA GLN B 167 -21.65 -11.65 -10.44
C GLN B 167 -22.45 -11.60 -11.75
N ARG B 168 -21.89 -11.01 -12.81
CA ARG B 168 -22.63 -10.89 -14.08
C ARG B 168 -22.43 -12.15 -14.91
N PRO B 169 -23.52 -12.67 -15.49
CA PRO B 169 -23.37 -13.84 -16.35
C PRO B 169 -22.58 -13.61 -17.63
N GLU B 170 -21.81 -14.61 -18.04
CA GLU B 170 -21.19 -14.63 -19.37
C GLU B 170 -20.97 -16.09 -19.77
N GLN B 171 -20.89 -16.32 -21.07
CA GLN B 171 -20.69 -17.65 -21.59
C GLN B 171 -19.29 -18.10 -21.22
N GLY B 172 -19.21 -19.23 -20.53
CA GLY B 172 -17.94 -19.79 -20.11
C GLY B 172 -17.43 -19.22 -18.81
N ILE B 173 -16.31 -19.78 -18.38
CA ILE B 173 -15.66 -19.44 -17.14
C ILE B 173 -14.49 -18.44 -17.31
N TYR B 174 -14.33 -17.89 -18.51
CA TYR B 174 -13.26 -16.93 -18.80
C TYR B 174 -11.93 -17.42 -18.26
N ALA B 175 -11.51 -18.59 -18.71
CA ALA B 175 -10.25 -19.18 -18.27
C ALA B 175 -9.08 -18.39 -18.85
N THR B 176 -8.06 -18.21 -18.01
CA THR B 176 -6.86 -17.49 -18.38
C THR B 176 -5.64 -18.16 -17.77
N ILE B 177 -4.50 -17.99 -18.43
CA ILE B 177 -3.19 -18.36 -17.90
C ILE B 177 -2.39 -17.07 -17.96
N THR B 178 -1.87 -16.65 -16.79
CA THR B 178 -1.14 -15.41 -16.61
C THR B 178 0.30 -15.68 -16.26
N GLN B 179 1.21 -14.93 -16.90
CA GLN B 179 2.64 -14.91 -16.58
C GLN B 179 2.85 -13.55 -15.89
N GLU B 181 5.38 -11.95 -14.16
CA GLU B 181 6.52 -11.08 -14.36
C GLU B 181 6.46 -10.30 -15.68
N ARG B 182 6.11 -11.00 -16.76
CA ARG B 182 5.99 -10.41 -18.08
C ARG B 182 4.67 -9.65 -18.25
N GLY B 183 3.76 -9.79 -17.28
CA GLY B 183 2.47 -9.10 -17.35
C GLY B 183 1.65 -9.53 -18.55
N GLU B 184 1.59 -10.83 -18.79
CA GLU B 184 0.88 -11.41 -19.95
C GLU B 184 -0.30 -12.24 -19.47
N VAL B 185 -1.48 -11.97 -19.99
CA VAL B 185 -2.67 -12.71 -19.64
C VAL B 185 -3.25 -13.34 -20.90
N GLU B 186 -3.16 -14.66 -20.97
CA GLU B 186 -3.65 -15.41 -22.13
C GLU B 186 -5.06 -15.90 -21.84
N THR B 187 -6.00 -15.58 -22.72
CA THR B 187 -7.35 -16.11 -22.61
C THR B 187 -7.42 -17.42 -23.37
N LEU B 188 -7.98 -18.44 -22.72
CA LEU B 188 -8.16 -19.75 -23.32
C LEU B 188 -9.52 -19.76 -24.00
N SER B 189 -9.59 -20.38 -25.17
CA SER B 189 -10.83 -20.60 -25.89
C SER B 189 -11.05 -22.11 -25.77
N LEU B 190 -12.03 -22.51 -24.96
CA LEU B 190 -12.19 -23.91 -24.60
C LEU B 190 -13.30 -24.67 -25.36
N SER B 191 -14.16 -23.94 -26.07
CA SER B 191 -15.30 -24.48 -26.82
C SER B 191 -15.02 -25.73 -27.66
N GLU B 192 -13.93 -25.73 -28.42
CA GLU B 192 -13.65 -26.85 -29.31
C GLU B 192 -13.21 -28.12 -28.55
N GLU B 193 -12.43 -27.96 -27.49
CA GLU B 193 -11.98 -29.10 -26.69
C GLU B 193 -13.15 -29.70 -25.88
N HIS B 194 -14.09 -28.83 -25.48
CA HIS B 194 -15.32 -29.20 -24.78
C HIS B 194 -16.18 -30.11 -25.67
N ARG B 195 -16.45 -29.65 -26.90
CA ARG B 195 -17.20 -30.43 -27.90
C ARG B 195 -16.53 -31.75 -28.23
N ASN B 196 -15.28 -31.93 -27.80
CA ASN B 196 -14.51 -33.12 -28.12
C ASN B 196 -14.09 -33.98 -26.91
N ILE B 197 -14.73 -33.74 -25.75
CA ILE B 197 -14.50 -34.58 -24.57
C ILE B 197 -14.93 -36.00 -24.93
N LEU B 198 -16.06 -36.09 -25.62
CA LEU B 198 -16.54 -37.36 -26.17
C LEU B 198 -16.30 -37.35 -27.66
N SER B 199 -15.91 -38.50 -28.22
CA SER B 199 -15.82 -38.66 -29.66
C SER B 199 -17.23 -38.65 -30.24
N GLU B 200 -17.32 -38.50 -31.56
CA GLU B 200 -18.62 -38.44 -32.23
C GLU B 200 -19.37 -39.77 -32.15
N ARG B 201 -18.63 -40.87 -32.18
CA ARG B 201 -19.19 -42.20 -32.01
C ARG B 201 -19.72 -42.38 -30.57
N GLU B 202 -18.96 -41.93 -29.58
CA GLU B 202 -19.42 -41.99 -28.19
C GLU B 202 -20.69 -41.18 -27.99
N LYS B 203 -20.76 -40.00 -28.61
CA LYS B 203 -21.97 -39.17 -28.56
C LYS B 203 -23.17 -39.87 -29.17
N GLU B 204 -22.98 -40.55 -30.31
CA GLU B 204 -24.09 -41.28 -30.97
C GLU B 204 -24.64 -42.38 -30.08
N ILE B 205 -23.73 -43.13 -29.48
CA ILE B 205 -24.05 -44.22 -28.58
C ILE B 205 -24.84 -43.71 -27.38
N LEU B 206 -24.39 -42.62 -26.78
CA LEU B 206 -25.11 -42.03 -25.65
C LEU B 206 -26.49 -41.51 -26.05
N ARG B 207 -26.63 -40.94 -27.23
CA ARG B 207 -27.95 -40.48 -27.69
C ARG B 207 -28.90 -41.66 -27.89
N CYS B 208 -28.37 -42.79 -28.38
CA CYS B 208 -29.15 -44.04 -28.49
C CYS B 208 -29.57 -44.56 -27.13
N ILE B 209 -28.63 -44.59 -26.19
CA ILE B 209 -28.92 -45.05 -24.83
C ILE B 209 -30.01 -44.19 -24.21
N ARG B 210 -29.87 -42.87 -24.33
CA ARG B 210 -30.88 -41.94 -23.84
C ARG B 210 -32.26 -42.15 -24.46
N LYS B 211 -32.28 -42.45 -25.75
CA LYS B 211 -33.51 -42.69 -26.51
C LYS B 211 -34.19 -43.99 -26.09
N GLY B 212 -33.40 -44.91 -25.56
CA GLY B 212 -33.92 -46.16 -25.04
C GLY B 212 -33.55 -47.43 -25.80
N LEU B 213 -32.59 -47.36 -26.72
CA LEU B 213 -32.16 -48.52 -27.44
C LEU B 213 -31.30 -49.46 -26.58
N SER B 214 -31.34 -50.74 -26.92
CA SER B 214 -30.56 -51.76 -26.26
C SER B 214 -29.24 -51.84 -26.99
N SER B 215 -28.28 -52.54 -26.40
CA SER B 215 -27.02 -52.76 -27.09
C SER B 215 -27.28 -53.34 -28.50
N LYS B 216 -28.14 -54.35 -28.56
CA LYS B 216 -28.46 -54.98 -29.84
C LYS B 216 -29.07 -53.99 -30.85
N GLU B 217 -29.98 -53.12 -30.42
CA GLU B 217 -30.52 -52.07 -31.31
C GLU B 217 -29.47 -51.05 -31.75
N ILE B 218 -28.59 -50.67 -30.83
CA ILE B 218 -27.51 -49.71 -31.15
C ILE B 218 -26.60 -50.31 -32.20
N ALA B 219 -26.26 -51.59 -32.02
CA ALA B 219 -25.36 -52.30 -32.98
C ALA B 219 -26.01 -52.36 -34.36
N ALA B 220 -27.31 -52.62 -34.39
CA ALA B 220 -28.11 -52.65 -35.62
C ALA B 220 -28.15 -51.28 -36.34
N THR B 221 -28.40 -50.22 -35.58
CA THR B 221 -28.54 -48.89 -36.19
C THR B 221 -27.21 -48.20 -36.58
N LEU B 222 -26.12 -48.47 -35.85
CA LEU B 222 -24.81 -47.87 -36.15
C LEU B 222 -23.88 -48.81 -36.94
N TYR B 223 -24.38 -50.00 -37.27
CA TYR B 223 -23.64 -50.97 -38.08
C TYR B 223 -22.30 -51.31 -37.45
N ILE B 224 -22.36 -51.69 -36.18
CA ILE B 224 -21.19 -52.14 -35.41
C ILE B 224 -21.61 -53.34 -34.54
N SER B 225 -20.64 -54.02 -33.95
CA SER B 225 -20.92 -55.19 -33.11
C SER B 225 -21.38 -54.84 -31.70
N VAL B 226 -22.14 -55.75 -31.08
CA VAL B 226 -22.56 -55.57 -29.69
C VAL B 226 -21.34 -55.46 -28.76
N ASN B 227 -20.27 -56.19 -29.09
CA ASN B 227 -19.00 -56.09 -28.36
C ASN B 227 -18.47 -54.65 -28.41
N THR B 228 -18.43 -54.08 -29.62
CA THR B 228 -17.97 -52.70 -29.81
C THR B 228 -18.84 -51.68 -29.09
N VAL B 229 -20.15 -51.85 -29.15
CA VAL B 229 -21.04 -50.96 -28.44
C VAL B 229 -20.69 -50.96 -26.95
N ASN B 230 -20.51 -52.15 -26.39
CA ASN B 230 -20.24 -52.30 -24.97
C ASN B 230 -18.84 -51.82 -24.58
N ARG B 231 -17.93 -51.82 -25.55
CA ARG B 231 -16.59 -51.26 -25.36
C ARG B 231 -16.68 -49.73 -25.25
N HIS B 232 -17.49 -49.12 -26.10
CA HIS B 232 -17.70 -47.67 -26.05
C HIS B 232 -18.40 -47.26 -24.77
N ARG B 233 -19.46 -47.99 -24.42
CA ARG B 233 -20.22 -47.74 -23.21
C ARG B 233 -19.31 -47.68 -21.99
N GLN B 234 -18.43 -48.67 -21.86
CA GLN B 234 -17.51 -48.74 -20.73
C GLN B 234 -16.47 -47.60 -20.74
N ASN B 235 -16.04 -47.18 -21.93
CA ASN B 235 -15.13 -46.04 -22.09
C ASN B 235 -15.79 -44.76 -21.61
N ILE B 236 -17.04 -44.56 -22.03
CA ILE B 236 -17.83 -43.40 -21.63
C ILE B 236 -17.98 -43.33 -20.09
N LEU B 237 -18.24 -44.47 -19.46
CA LEU B 237 -18.38 -44.52 -18.02
C LEU B 237 -17.09 -44.04 -17.35
N GLU B 238 -15.95 -44.45 -17.90
CA GLU B 238 -14.64 -44.04 -17.37
C GLU B 238 -14.36 -42.55 -17.63
N LYS B 239 -14.62 -42.08 -18.86
CA LYS B 239 -14.38 -40.69 -19.25
C LYS B 239 -15.16 -39.66 -18.44
N LEU B 240 -16.36 -40.05 -18.00
CA LEU B 240 -17.25 -39.17 -17.26
C LEU B 240 -17.28 -39.51 -15.77
N SER B 241 -16.46 -40.46 -15.35
CA SER B 241 -16.35 -40.87 -13.94
C SER B 241 -17.70 -41.19 -13.29
N VAL B 242 -18.52 -41.95 -14.01
CA VAL B 242 -19.83 -42.38 -13.54
C VAL B 242 -19.89 -43.90 -13.52
N GLY B 243 -20.93 -44.45 -12.88
CA GLY B 243 -21.01 -45.89 -12.63
C GLY B 243 -21.93 -46.71 -13.52
N ASN B 244 -22.83 -46.06 -14.23
CA ASN B 244 -23.73 -46.77 -15.13
C ASN B 244 -24.22 -45.85 -16.25
N SER B 245 -24.96 -46.42 -17.18
CA SER B 245 -25.37 -45.70 -18.39
C SER B 245 -26.41 -44.61 -18.18
N ILE B 246 -27.34 -44.80 -17.26
CA ILE B 246 -28.33 -43.75 -16.96
C ILE B 246 -27.61 -42.55 -16.30
N GLU B 247 -26.59 -42.84 -15.48
CA GLU B 247 -25.77 -41.81 -14.89
C GLU B 247 -24.95 -41.10 -15.97
N ALA B 248 -24.43 -41.86 -16.95
CA ALA B 248 -23.66 -41.28 -18.05
C ALA B 248 -24.54 -40.32 -18.89
N CYS B 249 -25.79 -40.70 -19.09
CA CYS B 249 -26.72 -39.86 -19.84
C CYS B 249 -26.97 -38.53 -19.19
N ARG B 250 -27.23 -38.56 -17.88
CA ARG B 250 -27.44 -37.32 -17.11
CA ARG B 250 -27.44 -37.33 -17.11
C ARG B 250 -26.20 -36.44 -17.11
N ALA B 251 -25.02 -37.05 -16.97
CA ALA B 251 -23.74 -36.32 -16.94
C ALA B 251 -23.51 -35.61 -18.26
N ALA B 252 -23.61 -36.35 -19.36
CA ALA B 252 -23.45 -35.80 -20.70
C ALA B 252 -24.38 -34.62 -20.97
N GLU B 253 -25.62 -34.71 -20.49
CA GLU B 253 -26.58 -33.61 -20.69
C GLU B 253 -26.27 -32.40 -19.81
N LEU B 254 -26.02 -32.63 -18.51
CA LEU B 254 -25.71 -31.58 -17.55
C LEU B 254 -24.45 -30.81 -17.94
N LYS B 256 -23.22 -30.73 -20.92
CA LYS B 256 -23.38 -30.31 -22.31
C LYS B 256 -22.27 -30.89 -23.20
N LEU B 257 -22.12 -32.21 -23.15
CA LEU B 257 -21.11 -32.92 -23.94
C LEU B 257 -21.61 -33.50 -25.28
N LEU B 258 -22.92 -33.47 -25.50
CA LEU B 258 -23.54 -34.02 -26.73
C LEU B 258 -23.79 -32.94 -27.79
N GLY C 1 25.46 14.35 10.41
CA GLY C 1 25.70 15.08 11.68
C GLY C 1 24.49 14.91 12.57
N ASP C 3 21.38 15.27 14.91
CA ASP C 3 20.35 16.30 14.87
C ASP C 3 19.01 15.65 15.22
N VAL C 4 18.03 16.48 15.55
CA VAL C 4 16.70 15.98 15.82
C VAL C 4 15.67 16.83 15.07
N LEU C 5 14.47 16.27 14.96
CA LEU C 5 13.27 16.91 14.39
C LEU C 5 13.35 17.41 12.95
N GLN C 6 14.29 16.87 12.18
CA GLN C 6 14.48 17.32 10.79
C GLN C 6 13.33 16.93 9.85
N LYS C 7 12.80 15.71 10.01
CA LYS C 7 11.61 15.28 9.27
C LYS C 7 10.45 16.19 9.66
N GLU C 8 10.20 16.32 10.96
CA GLU C 8 9.10 17.15 11.47
C GLU C 8 9.15 18.60 10.97
N ILE C 9 10.35 19.19 10.92
CA ILE C 9 10.49 20.60 10.48
C ILE C 9 10.25 20.75 8.97
N ASP C 10 10.68 19.77 8.18
CA ASP C 10 10.40 19.75 6.74
C ASP C 10 8.92 19.58 6.45
N GLU C 11 8.24 18.81 7.28
CA GLU C 11 6.81 18.62 7.13
C GLU C 11 6.09 19.96 7.39
N VAL C 12 6.68 20.87 8.16
CA VAL C 12 6.10 22.22 8.36
C VAL C 12 6.26 23.07 7.11
N TYR C 13 7.48 23.11 6.57
CA TYR C 13 7.75 23.83 5.33
C TYR C 13 6.83 23.37 4.20
N ALA C 14 6.58 22.06 4.12
CA ALA C 14 5.72 21.47 3.09
C ALA C 14 4.28 22.00 3.13
N THR C 15 3.76 22.37 4.30
CA THR C 15 2.38 22.90 4.41
C THR C 15 2.22 24.22 3.62
N HIS C 16 3.36 24.79 3.23
CA HIS C 16 3.40 26.04 2.48
C HIS C 16 3.88 25.75 1.10
N PRO C 17 3.03 26.02 0.08
CA PRO C 17 3.43 25.70 -1.29
C PRO C 17 4.37 26.76 -1.90
N THR C 18 5.30 27.29 -1.09
CA THR C 18 6.26 28.28 -1.57
C THR C 18 7.09 27.69 -2.74
N ALA C 19 7.42 26.41 -2.62
CA ALA C 19 8.19 25.69 -3.65
C ALA C 19 7.42 25.48 -4.98
N HIS C 20 6.08 25.60 -4.96
CA HIS C 20 5.22 25.48 -6.17
C HIS C 20 4.81 26.84 -6.77
N GLU C 21 5.46 27.91 -6.29
CA GLU C 21 5.16 29.28 -6.70
C GLU C 21 6.28 29.86 -7.60
N ALA C 22 5.89 30.56 -8.65
CA ALA C 22 6.83 31.18 -9.62
C ALA C 22 7.41 32.49 -9.07
N LEU C 23 8.70 32.46 -8.69
CA LEU C 23 9.36 33.58 -8.01
C LEU C 23 10.66 34.08 -8.68
N ASP C 24 11.08 35.30 -8.31
CA ASP C 24 12.30 35.93 -8.84
C ASP C 24 13.50 35.03 -8.57
N GLY C 26 17.62 40.46 -6.35
CA GLY C 26 16.81 41.66 -6.10
C GLY C 26 16.38 41.79 -4.63
N ILE C 27 15.29 41.11 -4.26
CA ILE C 27 14.83 41.08 -2.87
C ILE C 27 15.91 40.39 -2.02
N VAL C 28 16.30 39.18 -2.40
CA VAL C 28 17.30 38.41 -1.66
C VAL C 28 18.65 39.14 -1.55
N GLU C 29 19.00 39.92 -2.57
CA GLU C 29 20.25 40.69 -2.57
C GLU C 29 20.15 41.94 -1.69
N GLN C 30 18.96 42.54 -1.57
CA GLN C 30 18.74 43.66 -0.62
C GLN C 30 18.96 43.18 0.79
N HIS C 31 18.45 41.99 1.06
CA HIS C 31 18.57 41.40 2.37
C HIS C 31 20.01 41.06 2.69
N GLN C 32 20.78 40.66 1.68
CA GLN C 32 22.20 40.31 1.86
C GLN C 32 23.00 41.49 2.36
N GLN C 33 22.79 42.65 1.76
CA GLN C 33 23.48 43.87 2.15
C GLN C 33 23.16 44.27 3.58
N PHE C 34 21.87 44.24 3.94
CA PHE C 34 21.44 44.55 5.31
C PHE C 34 22.06 43.60 6.34
N VAL C 35 21.99 42.31 6.06
CA VAL C 35 22.56 41.29 6.91
C VAL C 35 24.08 41.42 7.10
N ARG C 36 24.82 41.79 6.07
CA ARG C 36 26.25 42.08 6.19
C ARG C 36 26.47 43.28 7.09
N SER C 37 25.66 44.32 6.92
CA SER C 37 25.79 45.51 7.73
C SER C 37 25.49 45.21 9.19
N LEU C 38 24.44 44.40 9.42
CA LEU C 38 24.08 44.00 10.77
C LEU C 38 25.21 43.21 11.45
N THR C 39 25.86 42.30 10.72
CA THR C 39 26.99 41.55 11.28
C THR C 39 28.20 42.45 11.59
N GLU C 40 28.29 43.60 10.92
CA GLU C 40 29.35 44.58 11.20
C GLU C 40 29.07 45.35 12.49
N VAL C 41 27.84 45.33 12.96
CA VAL C 41 27.48 45.93 14.24
C VAL C 41 27.63 44.87 15.37
N ASN C 42 27.09 43.66 15.18
CA ASN C 42 27.10 42.63 16.26
C ASN C 42 28.26 41.63 16.26
N GLY C 43 29.12 41.73 15.25
CA GLY C 43 30.31 40.88 15.12
C GLY C 43 29.96 39.41 14.97
N GLY C 44 28.77 39.12 14.47
CA GLY C 44 28.26 37.79 14.44
C GLY C 44 28.11 37.14 13.09
N CYS C 45 27.06 36.34 13.00
CA CYS C 45 26.79 35.49 11.87
C CYS C 45 25.30 35.52 11.54
N ALA C 46 24.97 35.51 10.27
CA ALA C 46 23.59 35.54 9.80
C ALA C 46 23.41 34.49 8.71
N VAL C 47 22.32 33.73 8.79
CA VAL C 47 21.94 32.77 7.77
C VAL C 47 20.56 33.15 7.26
N ILE C 48 20.43 33.37 5.96
CA ILE C 48 19.14 33.61 5.32
C ILE C 48 18.76 32.30 4.60
N SER C 49 17.65 31.68 4.99
CA SER C 49 17.18 30.45 4.35
C SER C 49 16.06 30.80 3.40
N ASP C 50 16.21 30.37 2.15
CA ASP C 50 15.27 30.67 1.06
C ASP C 50 14.47 29.42 0.77
N LEU C 51 13.18 29.42 1.11
CA LEU C 51 12.32 28.23 0.94
C LEU C 51 11.87 28.02 -0.50
N SER C 52 12.03 29.04 -1.34
CA SER C 52 11.64 28.93 -2.76
C SER C 52 12.59 27.99 -3.50
N ASN C 53 13.89 28.18 -3.29
CA ASN C 53 14.91 27.38 -3.96
C ASN C 53 15.69 26.45 -3.04
N ARG C 54 15.29 26.38 -1.78
CA ARG C 54 15.99 25.52 -0.83
C ARG C 54 17.48 25.89 -0.61
N LYS C 55 17.88 27.13 -0.90
CA LYS C 55 19.28 27.58 -0.72
C LYS C 55 19.45 28.47 0.52
N SER C 56 20.65 28.43 1.11
CA SER C 56 21.03 29.21 2.28
C SER C 56 22.17 30.17 1.96
N TYR C 57 22.09 31.37 2.53
CA TYR C 57 23.11 32.42 2.39
CA TYR C 57 23.12 32.38 2.39
C TYR C 57 23.68 32.72 3.78
N VAL C 58 24.98 32.48 3.96
CA VAL C 58 25.64 32.68 5.23
C VAL C 58 26.60 33.85 5.17
N THR C 59 26.56 34.74 6.17
CA THR C 59 27.53 35.82 6.30
C THR C 59 28.17 35.70 7.67
N VAL C 60 29.49 35.62 7.72
CA VAL C 60 30.24 35.45 8.96
C VAL C 60 31.22 36.60 9.10
N HIS C 61 31.07 37.42 10.13
CA HIS C 61 31.98 38.52 10.35
C HIS C 61 33.34 37.99 10.83
N PRO C 62 34.44 38.64 10.41
CA PRO C 62 35.76 38.28 10.93
C PRO C 62 35.87 38.23 12.47
N TRP C 63 35.09 39.02 13.17
CA TRP C 63 35.11 39.02 14.64
C TRP C 63 34.30 37.89 15.27
N ALA C 64 33.61 37.07 14.46
CA ALA C 64 32.73 35.99 14.98
C ALA C 64 33.54 34.74 15.31
N ASN C 65 34.59 34.95 16.11
CA ASN C 65 35.49 33.87 16.53
C ASN C 65 34.81 32.86 17.46
N PHE C 66 33.75 33.31 18.13
CA PHE C 66 32.97 32.44 18.98
C PHE C 66 32.43 31.20 18.25
N LEU C 67 32.32 31.29 16.92
CA LEU C 67 31.76 30.22 16.09
C LEU C 67 32.77 29.11 15.87
N GLY C 68 34.05 29.42 16.02
CA GLY C 68 35.06 28.40 15.83
C GLY C 68 35.15 27.81 14.42
N LEU C 69 34.84 28.61 13.39
CA LEU C 69 35.06 28.17 12.00
C LEU C 69 36.53 28.15 11.69
N THR C 70 36.97 27.23 10.85
CA THR C 70 38.34 27.21 10.44
C THR C 70 38.54 28.33 9.39
N PRO C 71 39.79 28.75 9.17
CA PRO C 71 40.05 29.76 8.14
C PRO C 71 39.49 29.39 6.76
N GLU C 72 39.57 28.13 6.36
CA GLU C 72 39.01 27.71 5.08
C GLU C 72 37.48 27.84 5.05
N GLU C 73 36.81 27.43 6.13
CA GLU C 73 35.34 27.52 6.23
C GLU C 73 34.86 28.95 6.14
N ALA C 74 35.53 29.84 6.86
CA ALA C 74 35.15 31.24 6.86
C ALA C 74 35.37 31.84 5.47
N ALA C 75 36.48 31.51 4.81
CA ALA C 75 36.77 32.00 3.46
C ALA C 75 35.69 31.56 2.47
N LEU C 76 35.25 30.31 2.57
CA LEU C 76 34.21 29.78 1.69
C LEU C 76 32.88 30.53 1.87
N SER C 77 32.54 30.98 3.08
CA SER C 77 31.32 31.75 3.29
C SER C 77 31.39 33.11 2.60
N VAL C 78 32.60 33.66 2.49
CA VAL C 78 32.82 34.96 1.85
C VAL C 78 32.51 34.85 0.37
N ILE C 79 32.93 33.76 -0.26
CA ILE C 79 32.61 33.53 -1.66
C ILE C 79 31.38 32.62 -1.79
N ASP C 80 30.52 32.65 -0.78
CA ASP C 80 29.27 31.88 -0.74
C ASP C 80 29.29 30.42 -1.21
N SER C 81 30.32 29.68 -0.82
CA SER C 81 30.47 28.26 -1.13
C SER C 81 30.63 27.39 0.11
N ASP C 83 29.12 25.13 3.20
CA ASP C 83 28.02 24.29 3.67
C ASP C 83 27.50 24.87 5.00
N GLU C 84 26.25 25.34 5.00
CA GLU C 84 25.66 25.96 6.20
C GLU C 84 25.67 25.06 7.43
N ASP C 85 25.72 23.73 7.23
CA ASP C 85 25.80 22.79 8.35
C ASP C 85 27.04 22.96 9.24
N CYS C 86 28.05 23.67 8.72
CA CYS C 86 29.23 24.05 9.52
C CYS C 86 28.84 24.83 10.77
N ILE C 87 27.78 25.64 10.68
CA ILE C 87 27.32 26.44 11.80
C ILE C 87 26.71 25.58 12.90
N TYR C 88 25.76 24.73 12.52
CA TYR C 88 25.01 23.92 13.49
C TYR C 88 25.88 22.92 14.22
N ARG C 89 26.94 22.45 13.56
CA ARG C 89 27.88 21.54 14.18
C ARG C 89 28.64 22.15 15.35
N ARG C 90 28.57 23.49 15.51
CA ARG C 90 29.27 24.20 16.57
C ARG C 90 28.43 24.37 17.83
N ILE C 91 27.17 23.97 17.77
CA ILE C 91 26.26 24.10 18.90
C ILE C 91 26.41 22.93 19.85
N HIS C 92 26.32 23.19 21.15
CA HIS C 92 26.32 22.14 22.17
C HIS C 92 25.17 21.19 21.88
N PRO C 93 25.43 19.88 21.81
CA PRO C 93 24.37 18.89 21.48
C PRO C 93 23.07 18.96 22.30
N GLU C 94 23.16 19.14 23.63
CA GLU C 94 21.95 19.30 24.47
C GLU C 94 21.17 20.56 24.05
N ASP C 95 21.91 21.65 23.76
CA ASP C 95 21.29 22.92 23.33
C ASP C 95 20.68 22.80 21.93
N LEU C 96 21.29 22.01 21.05
CA LEU C 96 20.77 21.82 19.71
C LEU C 96 19.35 21.20 19.71
N VAL C 97 19.14 20.22 20.58
CA VAL C 97 17.84 19.57 20.73
C VAL C 97 16.81 20.63 21.07
N GLU C 98 17.12 21.46 22.04
CA GLU C 98 16.18 22.48 22.46
C GLU C 98 15.98 23.56 21.40
N LYS C 99 17.04 23.94 20.67
CA LYS C 99 16.93 24.85 19.51
C LYS C 99 15.93 24.33 18.47
N ARG C 100 16.08 23.06 18.08
CA ARG C 100 15.15 22.45 17.12
C ARG C 100 13.71 22.39 17.63
N LEU C 101 13.53 22.09 18.92
CA LEU C 101 12.18 22.12 19.49
C LEU C 101 11.57 23.53 19.41
N GLU C 103 12.39 25.92 17.22
CA GLU C 103 12.21 26.17 15.81
C GLU C 103 10.94 25.52 15.27
N TYR C 104 10.75 24.27 15.67
CA TYR C 104 9.58 23.51 15.26
C TYR C 104 8.29 24.16 15.76
N LYS C 105 8.25 24.50 17.05
CA LYS C 105 7.11 25.25 17.61
C LYS C 105 6.93 26.61 16.93
N PHE C 106 8.03 27.31 16.71
CA PHE C 106 7.97 28.65 16.07
C PHE C 106 7.41 28.59 14.64
N PHE C 107 7.92 27.65 13.83
CA PHE C 107 7.47 27.49 12.46
C PHE C 107 6.04 27.01 12.38
N GLN C 108 5.66 26.06 13.23
CA GLN C 108 4.27 25.60 13.24
C GLN C 108 3.32 26.75 13.54
N LYS C 109 3.72 27.61 14.47
CA LYS C 109 2.93 28.77 14.86
C LYS C 109 2.85 29.85 13.76
N THR C 110 3.99 30.23 13.21
CA THR C 110 4.05 31.32 12.22
C THR C 110 3.56 30.91 10.82
N PHE C 111 3.84 29.68 10.40
CA PHE C 111 3.40 29.21 9.07
C PHE C 111 1.88 29.19 8.95
N SER C 112 1.16 28.96 10.05
CA SER C 112 -0.31 28.90 9.99
C SER C 112 -0.99 30.27 10.24
N SER C 114 -1.41 34.60 9.01
CA SER C 114 -1.43 35.45 7.84
C SER C 114 -0.04 35.97 7.63
N PRO C 115 0.31 36.33 6.40
CA PRO C 115 1.64 36.87 6.13
C PRO C 115 2.01 38.08 6.99
N GLY C 116 1.03 38.93 7.28
CA GLY C 116 1.26 40.15 8.05
C GLY C 116 1.56 39.92 9.52
N GLU C 117 0.79 39.04 10.16
CA GLU C 117 1.00 38.72 11.58
C GLU C 117 2.29 38.00 11.84
N ARG C 118 2.66 37.08 10.95
CA ARG C 118 3.83 36.24 11.21
C ARG C 118 5.11 37.04 11.30
N LEU C 119 5.15 38.20 10.66
CA LEU C 119 6.32 39.08 10.69
C LEU C 119 6.54 39.76 12.05
N LYS C 120 5.53 39.73 12.91
CA LYS C 120 5.57 40.34 14.24
C LYS C 120 6.17 39.43 15.33
N TYR C 121 6.58 38.21 14.97
CA TYR C 121 7.13 37.22 15.93
C TYR C 121 8.64 37.00 15.81
N ARG C 122 9.26 36.72 16.96
CA ARG C 122 10.65 36.37 17.05
C ARG C 122 10.83 35.14 17.94
N GLY C 123 11.58 34.16 17.47
CA GLY C 123 11.99 33.05 18.30
C GLY C 123 13.41 33.33 18.72
N ARG C 124 13.69 33.25 20.02
CA ARG C 124 15.00 33.54 20.54
C ARG C 124 15.43 32.53 21.58
N CYS C 125 16.73 32.37 21.75
CA CYS C 125 17.24 31.51 22.80
C CYS C 125 18.69 31.90 23.02
N ARG C 126 19.29 31.30 24.04
CA ARG C 126 20.71 31.50 24.38
C ARG C 126 21.40 30.13 24.44
N LEU C 127 22.19 29.85 23.41
CA LEU C 127 22.85 28.58 23.13
C LEU C 127 24.34 28.62 23.41
N ARG C 128 24.90 27.45 23.66
CA ARG C 128 26.33 27.30 23.80
C ARG C 128 26.89 26.91 22.43
N ASN C 131 34.16 27.50 20.38
CA ASN C 131 35.17 28.27 19.65
C ASN C 131 36.37 27.39 19.23
N GLU C 132 37.40 28.02 18.68
CA GLU C 132 38.57 27.34 18.12
C GLU C 132 39.40 26.59 19.14
N LYS C 133 39.22 26.92 20.42
CA LYS C 133 39.87 26.20 21.55
C LYS C 133 38.91 25.21 22.25
N GLY C 134 37.83 24.82 21.60
CA GLY C 134 36.89 23.90 22.23
C GLY C 134 36.08 24.46 23.39
N VAL C 135 36.09 25.79 23.55
CA VAL C 135 35.42 26.42 24.69
C VAL C 135 34.01 26.88 24.32
N TYR C 136 33.03 26.47 25.10
CA TYR C 136 31.64 26.91 24.88
C TYR C 136 31.38 28.28 25.47
N GLN C 137 30.78 29.15 24.69
CA GLN C 137 30.36 30.47 25.14
C GLN C 137 28.88 30.61 24.79
N TYR C 138 28.22 31.55 25.46
CA TYR C 138 26.78 31.78 25.29
C TYR C 138 26.49 32.77 24.18
N ILE C 139 25.65 32.31 23.26
CA ILE C 139 25.33 32.99 22.02
C ILE C 139 23.82 33.29 21.93
N ASP C 140 23.46 34.54 21.68
CA ASP C 140 22.07 34.89 21.41
C ASP C 140 21.74 34.41 20.00
N ASN C 141 20.68 33.62 19.87
CA ASN C 141 20.23 33.12 18.58
C ASN C 141 18.82 33.63 18.31
N LEU C 142 18.60 34.11 17.10
CA LEU C 142 17.30 34.61 16.66
C LEU C 142 16.85 33.81 15.46
N VAL C 143 15.57 33.44 15.42
CA VAL C 143 14.94 32.88 14.21
C VAL C 143 13.69 33.73 13.98
N GLN C 144 13.49 34.20 12.75
CA GLN C 144 12.44 35.14 12.44
C GLN C 144 12.07 35.09 10.94
N ILE C 145 10.78 35.21 10.65
CA ILE C 145 10.31 35.31 9.26
C ILE C 145 10.68 36.71 8.74
N GLN C 147 10.71 37.50 5.01
CA GLN C 147 10.05 37.87 3.75
C GLN C 147 8.99 36.85 3.41
N ASN C 148 7.84 37.34 2.93
CA ASN C 148 6.78 36.51 2.36
C ASN C 148 6.75 36.66 0.83
N THR C 149 6.15 35.67 0.16
CA THR C 149 6.02 35.69 -1.30
C THR C 149 4.75 36.44 -1.69
N PRO C 150 4.62 36.80 -2.99
CA PRO C 150 3.41 37.44 -3.48
C PRO C 150 2.14 36.70 -3.14
N ALA C 151 2.21 35.36 -3.12
CA ALA C 151 1.05 34.51 -2.81
C ALA C 151 0.77 34.38 -1.29
N GLY C 152 1.66 34.90 -0.45
CA GLY C 152 1.49 34.90 1.01
C GLY C 152 2.15 33.73 1.73
N ASN C 153 3.06 33.04 1.06
CA ASN C 153 3.82 31.94 1.66
C ASN C 153 5.13 32.48 2.22
N VAL C 154 5.76 31.71 3.10
CA VAL C 154 7.05 32.10 3.66
C VAL C 154 8.11 31.96 2.57
N TRP C 155 8.89 33.01 2.38
CA TRP C 155 9.95 33.01 1.39
C TRP C 155 11.31 32.88 2.08
N LEU C 156 11.64 33.84 2.95
CA LEU C 156 12.95 33.91 3.59
C LEU C 156 12.85 33.84 5.11
N ILE C 157 13.68 33.01 5.72
CA ILE C 157 13.79 32.93 7.18
C ILE C 157 15.16 33.44 7.54
N PHE C 158 15.20 34.26 8.58
CA PHE C 158 16.43 34.86 9.06
C PHE C 158 16.87 34.21 10.38
N CYS C 159 18.14 33.79 10.43
CA CYS C 159 18.76 33.24 11.63
CA CYS C 159 18.75 33.20 11.62
C CYS C 159 19.98 34.06 11.98
N LEU C 160 20.11 34.45 13.24
CA LEU C 160 21.20 35.33 13.65
C LEU C 160 21.88 34.77 14.88
N TYR C 161 23.20 34.95 14.95
CA TYR C 161 24.04 34.50 16.05
C TYR C 161 24.98 35.62 16.47
N SER C 162 25.07 35.91 17.76
CA SER C 162 26.01 36.92 18.26
C SER C 162 26.35 36.61 19.73
N LEU C 163 27.52 37.03 20.19
CA LEU C 163 27.94 36.73 21.54
C LEU C 163 27.01 37.43 22.53
N SER C 164 26.45 36.67 23.45
CA SER C 164 25.48 37.20 24.39
C SER C 164 26.08 38.06 25.50
N ALA C 165 25.32 39.07 25.93
CA ALA C 165 25.71 39.89 27.07
C ALA C 165 25.61 39.07 28.35
N ASP C 166 24.77 38.03 28.33
CA ASP C 166 24.61 37.15 29.46
C ASP C 166 25.43 35.87 29.30
N GLN C 167 26.52 35.73 30.04
CA GLN C 167 27.37 34.52 30.00
C GLN C 167 27.22 33.61 31.22
N ARG C 168 26.10 33.76 31.94
CA ARG C 168 25.83 32.97 33.12
C ARG C 168 25.22 31.62 32.75
N PRO C 169 25.80 30.51 33.24
CA PRO C 169 25.18 29.22 32.96
C PRO C 169 23.83 29.06 33.67
N GLU C 170 22.87 28.45 32.99
CA GLU C 170 21.58 28.11 33.58
C GLU C 170 21.07 26.90 32.81
N GLN C 171 20.20 26.10 33.43
CA GLN C 171 19.64 24.94 32.75
C GLN C 171 18.78 25.37 31.56
N GLY C 172 19.05 24.78 30.40
CA GLY C 172 18.29 25.06 29.18
C GLY C 172 18.78 26.29 28.42
N ILE C 173 18.15 26.53 27.28
CA ILE C 173 18.46 27.63 26.37
C ILE C 173 17.51 28.83 26.53
N TYR C 174 16.57 28.77 27.47
CA TYR C 174 15.65 29.86 27.74
C TYR C 174 15.02 30.34 26.44
N ALA C 175 14.37 29.39 25.76
CA ALA C 175 13.74 29.66 24.47
C ALA C 175 12.50 30.48 24.72
N THR C 176 12.28 31.49 23.88
CA THR C 176 11.12 32.39 23.99
C THR C 176 10.50 32.64 22.61
N ILE C 177 9.21 32.96 22.60
CA ILE C 177 8.59 33.48 21.38
C ILE C 177 7.99 34.82 21.78
N THR C 178 8.37 35.87 21.04
CA THR C 178 7.98 37.25 21.31
C THR C 178 7.03 37.78 20.22
N GLN C 179 5.93 38.42 20.62
CA GLN C 179 5.10 39.18 19.68
C GLN C 179 5.46 40.65 20.00
N GLU C 181 4.74 43.74 18.73
CA GLU C 181 3.77 44.83 18.77
C GLU C 181 2.94 44.83 20.04
N ARG C 182 2.51 43.64 20.47
CA ARG C 182 1.73 43.49 21.69
C ARG C 182 2.59 43.42 22.96
N GLY C 183 3.90 43.30 22.82
CA GLY C 183 4.78 43.26 23.97
C GLY C 183 4.62 42.01 24.83
N GLU C 184 4.53 40.84 24.17
CA GLU C 184 4.35 39.56 24.82
C GLU C 184 5.53 38.64 24.59
N VAL C 185 6.19 38.23 25.67
CA VAL C 185 7.33 37.31 25.62
C VAL C 185 6.94 36.02 26.37
N GLU C 186 6.73 34.94 25.62
CA GLU C 186 6.37 33.65 26.16
C GLU C 186 7.58 32.79 26.32
N THR C 187 7.82 32.25 27.52
CA THR C 187 8.95 31.34 27.74
C THR C 187 8.51 29.92 27.40
N LEU C 188 9.28 29.21 26.58
CA LEU C 188 8.91 27.84 26.24
C LEU C 188 9.46 26.84 27.27
N SER C 189 8.66 25.84 27.60
CA SER C 189 9.10 24.76 28.48
C SER C 189 9.39 23.58 27.59
N LEU C 190 10.67 23.30 27.37
CA LEU C 190 11.06 22.29 26.40
C LEU C 190 11.48 20.95 27.03
N SER C 191 11.56 20.89 28.36
CA SER C 191 12.02 19.69 29.10
C SER C 191 11.21 18.40 28.87
N GLU C 192 9.88 18.48 28.87
CA GLU C 192 9.07 17.28 28.64
C GLU C 192 9.24 16.74 27.21
N GLU C 193 9.32 17.66 26.22
CA GLU C 193 9.51 17.28 24.82
C GLU C 193 10.94 16.78 24.60
N HIS C 194 11.88 17.34 25.34
CA HIS C 194 13.29 16.93 25.26
C HIS C 194 13.42 15.45 25.64
N ARG C 195 12.65 15.04 26.65
CA ARG C 195 12.71 13.67 27.15
C ARG C 195 11.77 12.74 26.40
N ASN C 196 11.13 13.24 25.35
CA ASN C 196 10.28 12.43 24.49
C ASN C 196 10.70 12.44 23.01
N ILE C 197 11.90 12.94 22.72
CA ILE C 197 12.46 12.83 21.38
C ILE C 197 12.45 11.34 21.03
N LEU C 198 12.79 10.49 22.01
CA LEU C 198 12.74 9.03 21.85
C LEU C 198 11.65 8.43 22.75
N SER C 199 11.01 7.38 22.26
CA SER C 199 9.99 6.68 23.04
C SER C 199 10.66 5.94 24.19
N GLU C 200 9.86 5.50 25.17
CA GLU C 200 10.41 4.72 26.29
C GLU C 200 11.07 3.44 25.81
N ARG C 201 10.45 2.77 24.84
CA ARG C 201 10.98 1.52 24.29
C ARG C 201 12.26 1.80 23.49
N GLU C 202 12.28 2.90 22.75
CA GLU C 202 13.51 3.33 22.07
C GLU C 202 14.67 3.57 23.06
N LYS C 203 14.36 4.19 24.19
CA LYS C 203 15.36 4.46 25.25
C LYS C 203 15.91 3.15 25.85
N GLU C 204 15.00 2.21 26.16
CA GLU C 204 15.36 0.87 26.67
C GLU C 204 16.31 0.16 25.73
N ILE C 205 15.94 0.13 24.44
CA ILE C 205 16.78 -0.49 23.42
C ILE C 205 18.17 0.15 23.41
N LEU C 206 18.23 1.48 23.41
CA LEU C 206 19.51 2.19 23.41
C LEU C 206 20.38 1.85 24.61
N ARG C 207 19.75 1.76 25.79
CA ARG C 207 20.47 1.40 27.02
C ARG C 207 21.09 0.01 26.94
N CYS C 208 20.36 -0.92 26.34
CA CYS C 208 20.86 -2.27 26.11
C CYS C 208 22.04 -2.30 25.16
N ILE C 209 21.93 -1.55 24.06
CA ILE C 209 23.00 -1.45 23.05
C ILE C 209 24.24 -0.88 23.72
N ARG C 210 24.02 0.12 24.56
CA ARG C 210 25.08 0.79 25.30
C ARG C 210 25.79 -0.16 26.26
N LYS C 211 25.00 -0.94 27.00
CA LYS C 211 25.47 -1.96 27.93
C LYS C 211 26.22 -3.10 27.21
N GLY C 212 25.96 -3.25 25.91
CA GLY C 212 26.62 -4.23 25.06
C GLY C 212 25.77 -5.44 24.67
N LEU C 213 24.45 -5.33 24.79
CA LEU C 213 23.56 -6.45 24.41
C LEU C 213 23.41 -6.50 22.89
N SER C 214 23.30 -7.72 22.37
CA SER C 214 23.05 -7.97 20.94
C SER C 214 21.54 -7.88 20.71
N SER C 215 21.11 -7.82 19.44
CA SER C 215 19.67 -7.81 19.11
C SER C 215 18.97 -9.05 19.66
N LYS C 216 19.60 -10.20 19.48
CA LYS C 216 19.12 -11.47 20.02
C LYS C 216 18.96 -11.39 21.55
N GLU C 217 19.91 -10.76 22.23
CA GLU C 217 19.83 -10.57 23.69
C GLU C 217 18.73 -9.58 24.11
N ILE C 218 18.59 -8.49 23.37
CA ILE C 218 17.56 -7.46 23.64
C ILE C 218 16.18 -8.09 23.41
N ALA C 219 16.06 -8.80 22.28
CA ALA C 219 14.84 -9.53 21.96
C ALA C 219 14.44 -10.48 23.10
N ALA C 220 15.41 -11.14 23.71
CA ALA C 220 15.16 -12.09 24.80
C ALA C 220 14.82 -11.41 26.14
N THR C 221 15.42 -10.26 26.46
CA THR C 221 15.14 -9.55 27.72
C THR C 221 13.80 -8.83 27.69
N LEU C 222 13.52 -8.15 26.58
CA LEU C 222 12.32 -7.34 26.40
C LEU C 222 11.14 -8.14 25.85
N TYR C 223 11.37 -9.43 25.61
CA TYR C 223 10.35 -10.37 25.13
C TYR C 223 9.68 -9.93 23.84
N ILE C 224 10.51 -9.46 22.91
CA ILE C 224 10.05 -8.99 21.61
C ILE C 224 10.85 -9.67 20.50
N SER C 225 10.32 -9.56 19.28
CA SER C 225 10.94 -10.07 18.08
C SER C 225 12.32 -9.43 17.88
N VAL C 226 13.26 -10.16 17.28
CA VAL C 226 14.55 -9.59 16.89
C VAL C 226 14.29 -8.59 15.77
N ASN C 227 13.22 -8.83 15.02
CA ASN C 227 12.83 -7.94 13.93
C ASN C 227 12.31 -6.60 14.47
N THR C 228 11.48 -6.65 15.51
CA THR C 228 11.00 -5.45 16.20
C THR C 228 12.18 -4.67 16.78
N VAL C 229 13.11 -5.35 17.44
CA VAL C 229 14.31 -4.70 18.01
C VAL C 229 15.04 -3.87 16.92
N ASN C 230 15.20 -4.45 15.73
CA ASN C 230 15.90 -3.77 14.62
C ASN C 230 15.08 -2.68 13.89
N ARG C 231 13.75 -2.77 13.87
CA ARG C 231 12.91 -1.67 13.35
C ARG C 231 13.04 -0.45 14.30
N HIS C 232 13.13 -0.72 15.60
CA HIS C 232 13.39 0.31 16.62
C HIS C 232 14.78 0.94 16.46
N ARG C 233 15.81 0.11 16.28
CA ARG C 233 17.15 0.63 16.02
C ARG C 233 17.11 1.56 14.83
N GLN C 234 16.52 1.06 13.74
CA GLN C 234 16.42 1.82 12.52
C GLN C 234 15.72 3.18 12.70
N ASN C 235 14.63 3.20 13.46
CA ASN C 235 13.92 4.45 13.77
C ASN C 235 14.81 5.40 14.58
N ILE C 236 15.62 4.83 15.48
CA ILE C 236 16.53 5.63 16.33
C ILE C 236 17.55 6.35 15.47
N LEU C 237 18.15 5.63 14.51
CA LEU C 237 19.12 6.23 13.59
C LEU C 237 18.51 7.41 12.83
N GLU C 238 17.28 7.22 12.33
CA GLU C 238 16.56 8.28 11.60
C GLU C 238 16.24 9.52 12.47
N LYS C 239 15.73 9.28 13.67
CA LYS C 239 15.38 10.34 14.63
C LYS C 239 16.58 11.19 15.08
N LEU C 240 17.75 10.56 15.17
CA LEU C 240 18.97 11.19 15.63
C LEU C 240 19.94 11.64 14.52
N SER C 241 19.57 11.36 13.26
CA SER C 241 20.39 11.69 12.09
C SER C 241 21.85 11.16 12.16
N VAL C 242 21.98 9.91 12.61
CA VAL C 242 23.28 9.22 12.71
C VAL C 242 23.24 7.96 11.83
N GLY C 243 24.42 7.42 11.50
CA GLY C 243 24.55 6.33 10.51
C GLY C 243 24.67 4.93 11.06
N ASN C 244 24.86 4.83 12.37
CA ASN C 244 24.98 3.53 13.04
C ASN C 244 24.61 3.64 14.53
N SER C 245 24.63 2.49 15.21
CA SER C 245 24.21 2.37 16.60
C SER C 245 25.21 2.95 17.59
N ILE C 246 26.51 2.82 17.31
CA ILE C 246 27.51 3.39 18.21
C ILE C 246 27.41 4.92 18.21
N GLU C 247 27.09 5.52 17.05
CA GLU C 247 26.88 6.96 16.96
C GLU C 247 25.59 7.33 17.67
N ALA C 248 24.56 6.49 17.52
CA ALA C 248 23.28 6.73 18.21
C ALA C 248 23.48 6.77 19.74
N CYS C 249 24.31 5.85 20.25
CA CYS C 249 24.68 5.85 21.67
C CYS C 249 25.38 7.16 22.07
N ARG C 250 26.39 7.57 21.33
CA ARG C 250 27.08 8.83 21.63
C ARG C 250 26.12 10.03 21.51
N ALA C 251 25.29 10.06 20.48
CA ALA C 251 24.33 11.17 20.30
C ALA C 251 23.33 11.26 21.47
N ALA C 252 22.73 10.14 21.82
CA ALA C 252 21.75 10.09 22.91
C ALA C 252 22.36 10.56 24.23
N GLU C 253 23.60 10.15 24.50
CA GLU C 253 24.32 10.56 25.71
C GLU C 253 24.69 12.07 25.67
N LEU C 254 25.36 12.49 24.60
CA LEU C 254 25.76 13.90 24.44
C LEU C 254 24.57 14.85 24.49
N LYS C 256 21.61 14.10 25.89
CA LYS C 256 20.83 13.76 27.10
C LYS C 256 19.41 13.33 26.78
N LEU C 257 19.31 12.32 25.91
CA LEU C 257 18.04 11.79 25.45
C LEU C 257 17.54 10.55 26.21
N LEU C 258 18.39 9.99 27.06
CA LEU C 258 18.05 8.74 27.77
C LEU C 258 17.62 9.00 29.22
#